data_7X6U
#
_entry.id   7X6U
#
_cell.length_a   1.00
_cell.length_b   1.00
_cell.length_c   1.00
_cell.angle_alpha   90.00
_cell.angle_beta   90.00
_cell.angle_gamma   90.00
#
_symmetry.space_group_name_H-M   'P 1'
#
loop_
_entity.id
_entity.type
_entity.pdbx_description
1 polymer 'Envelopment polyprotein'
2 polymer 'Envelopment polyprotein'
3 branched 2-acetamido-2-deoxy-beta-D-glucopyranose-(1-4)-2-acetamido-2-deoxy-beta-D-glucopyranose
4 branched alpha-D-mannopyranose-(1-4)-2-acetamido-2-deoxy-beta-D-glucopyranose-(1-4)-2-acetamido-2-deoxy-beta-D-glucopyranose
#
loop_
_entity_poly.entity_id
_entity_poly.type
_entity_poly.pdbx_seq_one_letter_code
_entity_poly.pdbx_strand_id
1 'polypeptide(L)'
;MMKVIWFSSLVCLVIQCSGDSGPIICAGPIHSNKSAGIPHLLGYSEKICQIDRLIHVSSWLRNHSQFQGYVGQRGGRSQV
SYYPAENSYSRWSGLLSPCDADWLGMLVVKKAKGSDMIVPGPSYKGKVLFERPTFDGYVGWGCGSGKSRTESGELCSSDS
GTSSGLLPSDRVLWIGDVACQPMTPIPEETFLELKSFSQSEFPDICKIDGIVFNQCEGESLPQPFDVAWMDVGHSHKIIM
REHKTKWVQESSSKDFVCYKEGTGPCSESEEKACKTSGSCRGDMQFCKVAGCEHGEEASEAKCRCSLVHKPGEVVVSYGG
MRVRPKCYGFSRMMATMEVNPPEQRIGQCTGCHLECINGGVRLITLTSELKSATVCASHFCSSATSGKKSTEIHFHSGSL
VGKAAIHVKGALVDGTEFTFEGSCMFPDGCNAVDCTFCREFLKNPQCYPAKKWLFIIIVILLGYAGLMLLTNVLKAIGVW
GSWVIAPVKLMFAIMKKLMRTVSCLVGKLMDRGRQVIHEEIGENGEGNQDDVRIEMARPRRVRHWMYSPVILTILAIGLA
EG
;
A
2 'polypeptide(L)'
;CDEMVHADSKLVSCRQGSGNMKECVTTGRALLPAVNPGQEACLHFTAPGSPDSKCLKIKVKRINLKCKKSSSYFVPDARS
RCTSVRRCRWAGDCQSGCPPHFTSNSFSDDWAGKMDRAGLGFSGCSDGCGGAACGCFNAAPSCIFWRKWVENPHGIIWKV
SPCAAWVPSAVIELTMPSGEVRTFHPMSGIPTQVFKGVSVTYLGSDMEVSGLTDLCEIEELKSKKLALAPCNQAGMGVVG
KVGEIQCSSEESARTIKKDGCIWNADLVGIELRVDDAVCYSKITSVEAVANYSAIPTTIGGLRFERSHDSQGKISGSPLD
ITAIRGSFSVNYRGLRLSLSEITATCTGEVTNVSGCYSCMTGAKVSIKLHSSKNSTAHVRCKGDETAFSVLEGVHSYTVS
LSFDHAVVDEQCQLNCGGHESQVTLKGNLIFLDVPKFVDGSYMQTYHSTVPTGANIPSPTDWLNALFGNGLSRWILGVIG
VLLGGLALFFLIMFLFKLGTKQVFRSRTKLA
;
B
#
loop_
_chem_comp.id
_chem_comp.type
_chem_comp.name
_chem_comp.formula
MAN D-saccharide, alpha linking alpha-D-mannopyranose 'C6 H12 O6'
NAG D-saccharide, beta linking 2-acetamido-2-deoxy-beta-D-glucopyranose 'C8 H15 N O6'
#
# COMPACT_ATOMS: atom_id res chain seq x y z
N GLY A 22 3.13 -7.04 -52.69
CA GLY A 22 2.18 -8.13 -52.83
C GLY A 22 2.84 -9.49 -53.00
N PRO A 23 3.12 -9.87 -54.23
CA PRO A 23 3.76 -11.16 -54.48
C PRO A 23 5.28 -11.11 -54.39
N ILE A 24 5.87 -12.09 -53.71
CA ILE A 24 7.32 -12.22 -53.66
C ILE A 24 7.83 -12.37 -55.09
N ILE A 25 7.19 -13.28 -55.84
CA ILE A 25 7.54 -13.55 -57.23
C ILE A 25 6.32 -13.43 -58.13
N CYS A 26 5.26 -14.17 -57.81
CA CYS A 26 4.15 -14.36 -58.73
C CYS A 26 2.85 -14.50 -57.94
N ALA A 27 1.73 -14.40 -58.65
CA ALA A 27 0.45 -14.76 -58.05
C ALA A 27 0.22 -16.25 -58.18
N GLY A 28 -0.22 -16.87 -57.09
CA GLY A 28 -0.38 -18.30 -57.05
C GLY A 28 -1.41 -18.81 -58.04
N PRO A 29 -1.16 -19.99 -58.60
CA PRO A 29 -2.08 -20.53 -59.63
C PRO A 29 -3.43 -20.86 -59.06
N ILE A 30 -4.45 -20.76 -59.91
CA ILE A 30 -5.80 -21.20 -59.61
C ILE A 30 -6.15 -22.36 -60.54
N HIS A 31 -6.29 -23.55 -59.99
CA HIS A 31 -6.60 -24.74 -60.77
C HIS A 31 -7.91 -25.32 -60.25
N SER A 32 -8.90 -25.43 -61.14
CA SER A 32 -10.26 -25.76 -60.72
C SER A 32 -10.33 -27.16 -60.11
N ASN A 33 -9.66 -28.13 -60.71
CA ASN A 33 -9.73 -29.52 -60.25
C ASN A 33 -9.00 -29.60 -58.92
N LYS A 34 -9.76 -29.68 -57.82
CA LYS A 34 -9.18 -29.60 -56.50
C LYS A 34 -8.23 -30.76 -56.21
N SER A 35 -8.58 -31.96 -56.69
CA SER A 35 -7.86 -33.17 -56.31
C SER A 35 -6.50 -33.22 -57.00
N ALA A 36 -5.53 -32.57 -56.36
CA ALA A 36 -4.15 -32.57 -56.84
C ALA A 36 -3.20 -32.42 -55.66
N GLY A 37 -2.21 -33.29 -55.60
CA GLY A 37 -1.19 -33.21 -54.56
C GLY A 37 0.08 -32.58 -55.08
N ILE A 38 0.46 -31.44 -54.51
CA ILE A 38 1.58 -30.66 -55.06
C ILE A 38 2.89 -31.34 -54.70
N PRO A 39 3.78 -31.59 -55.66
CA PRO A 39 5.00 -32.36 -55.38
C PRO A 39 6.17 -31.54 -54.89
N HIS A 40 7.30 -32.20 -54.69
CA HIS A 40 8.52 -31.57 -54.23
C HIS A 40 9.22 -30.82 -55.36
N LEU A 41 10.05 -29.84 -54.99
CA LEU A 41 10.92 -29.14 -55.92
C LEU A 41 12.29 -28.93 -55.29
N LEU A 42 13.34 -29.18 -56.07
CA LEU A 42 14.69 -28.92 -55.60
C LEU A 42 15.03 -27.44 -55.63
N GLY A 43 14.30 -26.65 -56.42
CA GLY A 43 14.67 -25.26 -56.62
C GLY A 43 14.40 -24.40 -55.41
N TYR A 44 15.25 -23.39 -55.21
CA TYR A 44 15.10 -22.49 -54.08
C TYR A 44 14.17 -21.33 -54.42
N SER A 45 14.34 -20.73 -55.59
CA SER A 45 13.54 -19.57 -55.98
C SER A 45 12.22 -19.96 -56.63
N GLU A 46 11.88 -21.25 -56.62
CA GLU A 46 10.56 -21.71 -57.05
C GLU A 46 9.61 -21.96 -55.90
N LYS A 47 10.13 -22.41 -54.75
CA LYS A 47 9.28 -22.70 -53.60
C LYS A 47 8.80 -21.46 -52.88
N ILE A 48 9.48 -20.32 -53.05
CA ILE A 48 9.10 -19.12 -52.32
C ILE A 48 7.75 -18.59 -52.82
N CYS A 49 7.58 -18.49 -54.14
CA CYS A 49 6.28 -18.10 -54.67
C CYS A 49 5.24 -19.17 -54.37
N GLN A 50 5.68 -20.43 -54.27
CA GLN A 50 4.80 -21.48 -53.75
C GLN A 50 4.41 -21.19 -52.31
N ILE A 51 5.37 -20.79 -51.49
CA ILE A 51 5.06 -20.38 -50.12
C ILE A 51 4.13 -19.17 -50.12
N ASP A 52 4.32 -18.28 -51.10
CA ASP A 52 3.41 -17.16 -51.27
C ASP A 52 1.98 -17.65 -51.48
N ARG A 53 1.82 -18.84 -52.06
CA ARG A 53 0.52 -19.41 -52.38
C ARG A 53 -0.11 -20.15 -51.20
N LEU A 54 0.58 -20.22 -50.06
CA LEU A 54 0.11 -21.02 -48.92
C LEU A 54 0.00 -22.49 -49.29
N ILE A 55 0.85 -22.92 -50.22
CA ILE A 55 0.84 -24.33 -50.64
C ILE A 55 1.19 -25.23 -49.48
N HIS A 56 2.15 -24.83 -48.64
CA HIS A 56 2.67 -25.73 -47.63
C HIS A 56 1.61 -26.07 -46.58
N VAL A 57 0.78 -25.10 -46.20
CA VAL A 57 -0.17 -25.34 -45.11
C VAL A 57 -1.18 -26.41 -45.51
N SER A 58 -1.56 -26.44 -46.80
CA SER A 58 -2.46 -27.49 -47.27
C SER A 58 -1.82 -28.87 -47.12
N SER A 59 -0.51 -28.96 -47.35
CA SER A 59 0.19 -30.23 -47.19
C SER A 59 0.10 -30.74 -45.75
N TRP A 60 0.04 -29.82 -44.79
CA TRP A 60 -0.13 -30.24 -43.40
C TRP A 60 -1.46 -30.96 -43.21
N LEU A 61 -2.53 -30.45 -43.84
CA LEU A 61 -3.83 -31.12 -43.74
C LEU A 61 -3.77 -32.54 -44.27
N ARG A 62 -3.23 -32.72 -45.48
CA ARG A 62 -3.11 -34.06 -46.04
C ARG A 62 -2.23 -34.95 -45.17
N ASN A 63 -1.38 -34.35 -44.34
CA ASN A 63 -0.47 -35.15 -43.51
C ASN A 63 -1.07 -35.46 -42.16
N HIS A 64 -1.78 -34.50 -41.56
CA HIS A 64 -2.34 -34.72 -40.23
C HIS A 64 -3.86 -34.60 -40.20
N SER A 65 -4.41 -33.60 -40.90
CA SER A 65 -5.88 -33.46 -40.94
C SER A 65 -6.52 -34.45 -41.91
N GLN A 66 -5.75 -34.93 -42.90
CA GLN A 66 -6.21 -35.82 -43.96
C GLN A 66 -7.30 -35.20 -44.84
N PHE A 67 -7.09 -34.01 -45.40
CA PHE A 67 -8.02 -33.44 -46.37
C PHE A 67 -7.27 -32.78 -47.52
N GLN A 68 -7.76 -32.98 -48.74
CA GLN A 68 -7.12 -32.46 -49.95
C GLN A 68 -7.71 -31.09 -50.30
N GLY A 69 -7.70 -30.22 -49.29
CA GLY A 69 -8.27 -28.90 -49.45
C GLY A 69 -7.28 -27.87 -49.96
N TYR A 70 -7.35 -27.53 -51.24
CA TYR A 70 -6.55 -26.45 -51.77
C TYR A 70 -6.97 -25.15 -51.08
N VAL A 71 -5.98 -24.41 -50.58
CA VAL A 71 -6.23 -23.32 -49.65
C VAL A 71 -5.86 -21.99 -50.29
N GLY A 72 -6.77 -21.01 -50.17
CA GLY A 72 -6.46 -19.63 -50.49
C GLY A 72 -6.23 -19.35 -51.96
N GLN A 73 -7.24 -19.59 -52.79
CA GLN A 73 -7.18 -19.20 -54.19
C GLN A 73 -7.17 -17.68 -54.25
N ARG A 74 -6.38 -17.13 -55.19
CA ARG A 74 -6.25 -15.69 -55.45
C ARG A 74 -5.83 -14.91 -54.22
N GLY A 75 -5.47 -15.58 -53.13
CA GLY A 75 -5.14 -14.90 -51.89
C GLY A 75 -3.69 -14.46 -51.78
N GLY A 76 -2.76 -15.39 -51.90
CA GLY A 76 -1.36 -15.06 -51.74
C GLY A 76 -1.08 -14.58 -50.33
N ARG A 77 -0.10 -13.68 -50.21
CA ARG A 77 0.20 -13.01 -48.95
C ARG A 77 -0.33 -11.59 -48.94
N SER A 78 -1.24 -11.26 -49.86
CA SER A 78 -1.72 -9.89 -50.00
C SER A 78 -3.01 -9.63 -49.22
N GLN A 79 -3.74 -10.68 -48.87
CA GLN A 79 -5.01 -10.51 -48.17
C GLN A 79 -5.06 -11.22 -46.83
N VAL A 80 -4.06 -12.05 -46.50
CA VAL A 80 -4.08 -12.76 -45.23
C VAL A 80 -4.06 -11.78 -44.07
N SER A 81 -4.89 -12.04 -43.07
CA SER A 81 -5.05 -11.14 -41.93
C SER A 81 -4.62 -11.85 -40.66
N TYR A 82 -4.20 -11.05 -39.68
CA TYR A 82 -3.70 -11.54 -38.41
C TYR A 82 -4.46 -10.85 -37.30
N TYR A 83 -4.50 -11.49 -36.13
CA TYR A 83 -5.34 -10.99 -35.04
C TYR A 83 -5.00 -9.55 -34.62
N PRO A 84 -3.75 -9.19 -34.35
CA PRO A 84 -3.48 -7.78 -34.03
C PRO A 84 -3.94 -6.87 -35.16
N ALA A 85 -4.51 -5.73 -34.79
CA ALA A 85 -5.22 -4.90 -35.75
C ALA A 85 -4.33 -4.50 -36.92
N GLU A 86 -3.16 -3.93 -36.62
CA GLU A 86 -2.22 -3.53 -37.66
C GLU A 86 -0.90 -4.26 -37.44
N ASN A 87 -0.43 -4.93 -38.47
CA ASN A 87 0.83 -5.67 -38.42
C ASN A 87 1.81 -5.06 -39.41
N SER A 88 2.85 -4.42 -38.89
CA SER A 88 3.90 -3.90 -39.75
C SER A 88 4.66 -5.03 -40.43
N TYR A 89 4.89 -6.13 -39.71
CA TYR A 89 5.58 -7.28 -40.30
C TYR A 89 4.76 -7.89 -41.43
N SER A 90 3.43 -7.77 -41.35
CA SER A 90 2.59 -8.27 -42.43
C SER A 90 2.84 -7.51 -43.72
N ARG A 91 3.02 -6.19 -43.61
CA ARG A 91 3.35 -5.39 -44.79
C ARG A 91 4.60 -5.93 -45.48
N TRP A 92 5.57 -6.40 -44.70
CA TRP A 92 6.81 -6.88 -45.27
C TRP A 92 6.67 -8.37 -45.60
N SER A 93 6.52 -8.67 -46.89
CA SER A 93 6.43 -10.06 -47.31
C SER A 93 7.80 -10.72 -47.31
N GLY A 94 8.87 -9.92 -47.29
CA GLY A 94 10.21 -10.47 -47.30
C GLY A 94 10.51 -11.28 -46.04
N LEU A 95 10.02 -10.82 -44.90
CA LEU A 95 10.16 -11.59 -43.67
C LEU A 95 9.39 -12.90 -43.77
N LEU A 96 9.69 -13.80 -42.84
CA LEU A 96 9.18 -15.16 -42.91
C LEU A 96 8.48 -15.51 -41.61
N SER A 97 7.32 -16.16 -41.73
CA SER A 97 6.43 -16.52 -40.63
C SER A 97 6.61 -17.99 -40.27
N PRO A 98 6.43 -18.35 -38.99
CA PRO A 98 6.81 -19.71 -38.55
C PRO A 98 6.17 -20.84 -39.33
N CYS A 99 4.90 -20.74 -39.71
CA CYS A 99 4.31 -21.81 -40.49
C CYS A 99 4.96 -21.93 -41.87
N ASP A 100 5.55 -20.85 -42.37
CA ASP A 100 6.32 -20.89 -43.60
C ASP A 100 7.79 -21.24 -43.37
N ALA A 101 8.20 -21.40 -42.11
CA ALA A 101 9.49 -21.97 -41.79
C ALA A 101 9.45 -23.50 -41.81
N ASP A 102 8.32 -24.07 -42.21
CA ASP A 102 8.14 -25.52 -42.18
C ASP A 102 8.49 -26.16 -43.51
N TRP A 103 8.13 -25.50 -44.61
CA TRP A 103 8.53 -25.98 -45.93
C TRP A 103 10.04 -25.96 -46.09
N LEU A 104 10.71 -24.93 -45.58
CA LEU A 104 12.13 -24.73 -45.80
C LEU A 104 12.99 -25.49 -44.79
N GLY A 105 12.37 -26.25 -43.89
CA GLY A 105 13.11 -27.11 -43.00
C GLY A 105 13.70 -26.45 -41.77
N MET A 106 13.48 -25.15 -41.58
CA MET A 106 14.00 -24.49 -40.38
C MET A 106 13.35 -25.03 -39.13
N LEU A 107 12.05 -24.81 -38.98
CA LEU A 107 11.29 -25.33 -37.85
C LEU A 107 10.14 -26.16 -38.38
N VAL A 108 9.49 -26.90 -37.49
CA VAL A 108 8.37 -27.75 -37.84
C VAL A 108 7.24 -27.54 -36.85
N VAL A 109 6.03 -27.34 -37.36
CA VAL A 109 4.86 -27.20 -36.50
C VAL A 109 4.34 -28.59 -36.12
N LYS A 110 3.75 -28.68 -34.94
CA LYS A 110 3.33 -29.96 -34.39
C LYS A 110 1.84 -29.91 -34.03
N LYS A 111 1.29 -31.08 -33.75
CA LYS A 111 -0.12 -31.17 -33.39
C LYS A 111 -0.39 -30.57 -32.01
N ALA A 112 -1.65 -30.63 -31.61
CA ALA A 112 -2.09 -30.06 -30.34
C ALA A 112 -2.55 -31.19 -29.40
N LYS A 113 -2.14 -31.11 -28.15
CA LYS A 113 -2.60 -32.05 -27.14
C LYS A 113 -3.78 -31.47 -26.37
N GLY A 114 -4.53 -32.35 -25.70
CA GLY A 114 -5.68 -31.90 -24.95
C GLY A 114 -5.31 -30.95 -23.82
N SER A 115 -4.14 -31.17 -23.20
CA SER A 115 -3.69 -30.29 -22.13
C SER A 115 -3.34 -28.91 -22.64
N ASP A 116 -3.19 -28.77 -23.97
CA ASP A 116 -2.96 -27.45 -24.55
C ASP A 116 -4.29 -26.77 -24.81
N MET A 117 -4.35 -25.47 -24.49
CA MET A 117 -5.63 -24.76 -24.50
C MET A 117 -5.57 -23.60 -25.49
N ILE A 118 -6.76 -23.21 -25.96
CA ILE A 118 -6.89 -22.11 -26.90
C ILE A 118 -6.73 -20.77 -26.18
N VAL A 119 -6.55 -19.72 -26.96
CA VAL A 119 -6.50 -18.34 -26.48
C VAL A 119 -7.78 -17.65 -26.95
N PRO A 120 -8.52 -16.99 -26.06
CA PRO A 120 -9.87 -16.53 -26.41
C PRO A 120 -9.89 -15.24 -27.22
N GLY A 121 -8.77 -14.87 -27.80
CA GLY A 121 -8.65 -13.60 -28.47
C GLY A 121 -9.52 -13.41 -29.70
N PRO A 122 -9.21 -14.15 -30.78
CA PRO A 122 -9.83 -13.82 -32.07
C PRO A 122 -11.25 -14.33 -32.22
N SER A 123 -11.82 -14.13 -33.40
CA SER A 123 -13.17 -14.59 -33.73
C SER A 123 -13.03 -15.80 -34.63
N TYR A 124 -13.15 -16.99 -34.03
CA TYR A 124 -12.92 -18.25 -34.74
C TYR A 124 -14.16 -18.60 -35.58
N LYS A 125 -14.32 -17.87 -36.68
CA LYS A 125 -15.40 -18.11 -37.63
C LYS A 125 -14.81 -18.59 -38.95
N GLY A 126 -15.26 -19.74 -39.41
CA GLY A 126 -14.81 -20.28 -40.69
C GLY A 126 -13.34 -20.63 -40.77
N LYS A 127 -12.81 -21.34 -39.77
CA LYS A 127 -11.38 -21.64 -39.71
C LYS A 127 -11.14 -23.14 -39.85
N VAL A 128 -9.94 -23.51 -40.28
CA VAL A 128 -9.48 -24.89 -40.10
C VAL A 128 -8.06 -24.98 -39.54
N LEU A 129 -7.24 -23.94 -39.68
CA LEU A 129 -5.84 -24.02 -39.24
C LEU A 129 -5.38 -22.66 -38.76
N PHE A 130 -5.11 -22.57 -37.47
CA PHE A 130 -4.50 -21.40 -36.86
C PHE A 130 -3.21 -21.83 -36.16
N GLU A 131 -2.29 -20.88 -36.00
CA GLU A 131 -1.05 -21.17 -35.30
C GLU A 131 -1.14 -20.67 -33.87
N ARG A 132 -0.24 -21.15 -33.03
CA ARG A 132 0.02 -20.57 -31.73
C ARG A 132 1.45 -20.92 -31.30
N PRO A 133 2.40 -19.98 -31.40
CA PRO A 133 3.74 -20.25 -30.88
C PRO A 133 3.70 -20.44 -29.38
N THR A 134 4.52 -21.36 -28.87
CA THR A 134 4.49 -21.73 -27.47
C THR A 134 5.89 -21.62 -26.88
N PHE A 135 5.99 -21.93 -25.59
CA PHE A 135 7.30 -21.96 -24.94
C PHE A 135 8.19 -23.03 -25.56
N ASP A 136 7.63 -24.20 -25.87
CA ASP A 136 8.40 -25.31 -26.41
C ASP A 136 8.51 -25.26 -27.93
N GLY A 137 7.39 -25.24 -28.62
CA GLY A 137 7.41 -25.30 -30.07
C GLY A 137 6.22 -24.59 -30.66
N TYR A 138 5.88 -24.98 -31.88
CA TYR A 138 4.81 -24.33 -32.63
C TYR A 138 3.68 -25.33 -32.86
N VAL A 139 2.46 -24.90 -32.57
CA VAL A 139 1.31 -25.78 -32.48
C VAL A 139 0.29 -25.41 -33.53
N GLY A 140 -0.23 -26.42 -34.23
CA GLY A 140 -1.28 -26.22 -35.23
C GLY A 140 -2.48 -27.09 -34.91
N TRP A 141 -3.67 -26.55 -35.18
CA TRP A 141 -4.94 -27.21 -34.89
C TRP A 141 -5.73 -27.35 -36.18
N GLY A 142 -6.45 -28.46 -36.31
CA GLY A 142 -7.23 -28.72 -37.51
C GLY A 142 -8.63 -29.22 -37.19
N CYS A 143 -9.52 -29.05 -38.16
CA CYS A 143 -10.86 -29.62 -38.10
C CYS A 143 -11.08 -30.42 -39.38
N GLY A 144 -12.30 -30.94 -39.52
CA GLY A 144 -12.62 -31.74 -40.69
C GLY A 144 -13.08 -30.88 -41.86
N SER A 145 -13.02 -31.47 -43.05
CA SER A 145 -13.63 -30.83 -44.21
C SER A 145 -15.14 -30.86 -44.09
N GLY A 146 -15.78 -29.73 -44.36
CA GLY A 146 -17.16 -29.53 -44.01
C GLY A 146 -17.39 -29.19 -42.56
N LYS A 147 -16.46 -29.54 -41.67
CA LYS A 147 -16.50 -29.13 -40.27
C LYS A 147 -16.06 -27.67 -40.21
N SER A 148 -17.00 -26.77 -40.48
CA SER A 148 -16.71 -25.35 -40.36
C SER A 148 -16.47 -24.98 -38.90
N ARG A 149 -15.54 -24.05 -38.70
CA ARG A 149 -15.23 -23.54 -37.37
C ARG A 149 -15.89 -22.18 -37.20
N THR A 150 -17.05 -22.16 -36.54
CA THR A 150 -17.82 -20.93 -36.38
C THR A 150 -17.88 -20.46 -34.92
N GLU A 151 -17.04 -20.98 -34.05
CA GLU A 151 -16.99 -20.54 -32.66
C GLU A 151 -15.59 -20.78 -32.11
N SER A 152 -15.26 -20.06 -31.03
CA SER A 152 -13.92 -20.12 -30.47
C SER A 152 -13.65 -21.47 -29.81
N GLY A 153 -14.69 -22.28 -29.62
CA GLY A 153 -14.51 -23.55 -28.94
C GLY A 153 -13.66 -24.52 -29.74
N GLU A 154 -13.22 -25.60 -29.07
CA GLU A 154 -12.45 -26.64 -29.74
C GLU A 154 -13.34 -27.49 -30.65
N LEU A 155 -14.65 -27.50 -30.37
CA LEU A 155 -15.57 -28.34 -31.13
C LEU A 155 -15.74 -27.81 -32.55
N CYS A 156 -15.58 -28.70 -33.52
CA CYS A 156 -15.72 -28.37 -34.94
C CYS A 156 -17.15 -28.72 -35.36
N SER A 157 -17.71 -27.93 -36.27
CA SER A 157 -19.12 -28.02 -36.62
C SER A 157 -19.31 -28.30 -38.10
N SER A 158 -20.04 -29.37 -38.42
CA SER A 158 -20.35 -29.70 -39.80
C SER A 158 -21.19 -28.60 -40.44
N ASP A 159 -20.89 -28.30 -41.70
CA ASP A 159 -21.70 -27.38 -42.49
C ASP A 159 -21.31 -27.51 -43.95
N SER A 160 -22.31 -27.45 -44.82
CA SER A 160 -22.09 -27.51 -46.27
C SER A 160 -21.76 -26.15 -46.87
N GLY A 161 -21.87 -25.07 -46.10
CA GLY A 161 -21.61 -23.75 -46.64
C GLY A 161 -20.16 -23.54 -47.02
N THR A 162 -19.28 -24.45 -46.61
CA THR A 162 -17.86 -24.37 -46.92
C THR A 162 -17.42 -25.40 -47.95
N SER A 163 -18.38 -25.97 -48.70
CA SER A 163 -18.04 -27.00 -49.68
C SER A 163 -17.07 -26.47 -50.73
N SER A 164 -17.29 -25.24 -51.20
CA SER A 164 -16.34 -24.62 -52.11
C SER A 164 -15.03 -24.33 -51.37
N GLY A 165 -13.91 -24.55 -52.06
CA GLY A 165 -12.62 -24.39 -51.42
C GLY A 165 -12.14 -22.94 -51.40
N LEU A 166 -12.89 -22.05 -52.03
CA LEU A 166 -12.50 -20.65 -52.15
C LEU A 166 -12.69 -19.94 -50.83
N LEU A 167 -11.61 -19.36 -50.30
CA LEU A 167 -11.66 -18.60 -49.08
C LEU A 167 -10.44 -17.70 -48.95
N PRO A 168 -10.65 -16.39 -48.80
CA PRO A 168 -9.52 -15.46 -48.62
C PRO A 168 -8.96 -15.50 -47.21
N SER A 169 -8.14 -16.51 -46.93
CA SER A 169 -7.55 -16.72 -45.60
C SER A 169 -8.63 -16.82 -44.53
N ASP A 170 -9.85 -17.16 -44.93
CA ASP A 170 -10.93 -17.31 -43.96
C ASP A 170 -10.61 -18.42 -42.97
N ARG A 171 -10.12 -19.55 -43.45
CA ARG A 171 -9.71 -20.65 -42.60
C ARG A 171 -8.28 -20.50 -42.09
N VAL A 172 -7.54 -19.53 -42.62
CA VAL A 172 -6.12 -19.34 -42.31
C VAL A 172 -5.98 -18.03 -41.55
N LEU A 173 -6.04 -18.10 -40.22
CA LEU A 173 -5.83 -16.92 -39.38
C LEU A 173 -4.71 -17.24 -38.41
N TRP A 174 -3.68 -16.42 -38.43
CA TRP A 174 -2.43 -16.68 -37.72
C TRP A 174 -2.28 -15.69 -36.55
N ILE A 175 -1.95 -16.24 -35.39
CA ILE A 175 -1.77 -15.45 -34.18
C ILE A 175 -0.31 -15.02 -34.12
N GLY A 176 -0.06 -13.87 -33.49
CA GLY A 176 1.29 -13.40 -33.30
C GLY A 176 1.87 -12.71 -34.52
N ASP A 177 3.00 -12.05 -34.29
CA ASP A 177 3.73 -11.31 -35.31
C ASP A 177 5.19 -11.72 -35.19
N VAL A 178 5.59 -12.72 -35.97
CA VAL A 178 6.88 -13.38 -35.79
C VAL A 178 7.73 -13.18 -37.03
N ALA A 179 9.02 -12.93 -36.80
CA ALA A 179 10.01 -12.87 -37.86
C ALA A 179 11.00 -14.01 -37.70
N CYS A 180 11.37 -14.63 -38.81
CA CYS A 180 12.27 -15.77 -38.80
C CYS A 180 13.36 -15.58 -39.84
N GLN A 181 14.47 -16.28 -39.64
CA GLN A 181 15.66 -16.13 -40.47
C GLN A 181 16.66 -17.23 -40.18
N PRO A 182 17.58 -17.54 -41.10
CA PRO A 182 18.68 -18.43 -40.79
C PRO A 182 19.52 -17.89 -39.64
N MET A 183 19.99 -18.80 -38.79
CA MET A 183 20.64 -18.39 -37.55
C MET A 183 21.88 -19.25 -37.30
N THR A 184 22.81 -18.69 -36.53
CA THR A 184 23.97 -19.41 -36.04
C THR A 184 23.89 -19.53 -34.53
N PRO A 185 24.07 -20.71 -33.97
CA PRO A 185 23.76 -20.92 -32.54
C PRO A 185 24.72 -20.21 -31.59
N ILE A 186 24.47 -20.42 -30.30
CA ILE A 186 25.31 -19.87 -29.24
C ILE A 186 25.73 -21.04 -28.35
N PRO A 187 26.83 -20.93 -27.61
CA PRO A 187 27.21 -22.01 -26.70
C PRO A 187 26.13 -22.27 -25.65
N GLU A 188 26.23 -23.46 -25.03
CA GLU A 188 25.21 -23.87 -24.07
C GLU A 188 25.19 -22.96 -22.85
N GLU A 189 26.36 -22.50 -22.40
CA GLU A 189 26.41 -21.65 -21.22
C GLU A 189 25.74 -20.30 -21.49
N THR A 190 25.94 -19.74 -22.69
CA THR A 190 25.27 -18.50 -23.05
C THR A 190 23.75 -18.66 -22.96
N PHE A 191 23.23 -19.82 -23.35
CA PHE A 191 21.81 -20.10 -23.16
C PHE A 191 21.45 -20.08 -21.68
N LEU A 192 22.30 -20.65 -20.83
CA LEU A 192 22.00 -20.72 -19.41
C LEU A 192 21.96 -19.32 -18.78
N GLU A 193 22.77 -18.39 -19.30
CA GLU A 193 22.75 -17.02 -18.78
C GLU A 193 21.39 -16.38 -19.00
N LEU A 194 20.82 -16.53 -20.20
CA LEU A 194 19.53 -15.93 -20.50
C LEU A 194 18.44 -16.53 -19.62
N LYS A 195 18.46 -17.85 -19.42
CA LYS A 195 17.40 -18.50 -18.66
C LYS A 195 17.34 -17.97 -17.23
N SER A 196 18.49 -17.85 -16.58
CA SER A 196 18.51 -17.34 -15.21
C SER A 196 18.07 -15.87 -15.15
N PHE A 197 18.56 -15.06 -16.09
CA PHE A 197 18.26 -13.64 -16.05
C PHE A 197 16.77 -13.38 -16.27
N SER A 198 16.13 -14.18 -17.12
CA SER A 198 14.69 -14.06 -17.30
C SER A 198 13.95 -14.36 -16.01
N GLN A 199 14.44 -15.31 -15.22
CA GLN A 199 13.82 -15.61 -13.94
C GLN A 199 13.83 -14.40 -13.02
N SER A 200 14.96 -13.70 -12.95
CA SER A 200 15.08 -12.58 -12.02
C SER A 200 14.15 -11.44 -12.39
N GLU A 201 13.96 -11.20 -13.68
CA GLU A 201 13.26 -9.98 -14.10
C GLU A 201 11.77 -10.08 -13.80
N PHE A 202 11.22 -11.30 -13.83
CA PHE A 202 9.81 -11.54 -13.52
C PHE A 202 9.71 -12.25 -12.17
N PRO A 203 9.77 -11.51 -11.07
CA PRO A 203 9.65 -12.15 -9.75
C PRO A 203 8.29 -12.81 -9.55
N ASP A 204 7.22 -12.24 -10.11
CA ASP A 204 5.89 -12.75 -9.86
C ASP A 204 5.62 -14.03 -10.64
N ILE A 205 6.12 -14.12 -11.88
CA ILE A 205 5.79 -15.26 -12.72
C ILE A 205 6.50 -16.51 -12.21
N CYS A 206 5.71 -17.57 -11.98
CA CYS A 206 6.25 -18.85 -11.54
C CYS A 206 5.96 -19.98 -12.51
N LYS A 207 4.71 -20.14 -12.96
CA LYS A 207 4.32 -21.27 -13.77
C LYS A 207 3.78 -20.79 -15.11
N ILE A 208 4.28 -21.38 -16.20
CA ILE A 208 3.82 -21.08 -17.55
C ILE A 208 3.57 -22.38 -18.29
N ASP A 209 2.39 -22.51 -18.90
CA ASP A 209 1.99 -23.67 -19.68
C ASP A 209 2.24 -25.00 -18.96
N GLY A 210 2.26 -24.98 -17.62
CA GLY A 210 2.71 -26.10 -16.83
C GLY A 210 4.22 -26.22 -16.72
N ILE A 211 4.96 -25.72 -17.71
CA ILE A 211 6.42 -25.71 -17.64
C ILE A 211 6.86 -24.78 -16.52
N VAL A 212 7.75 -25.27 -15.66
CA VAL A 212 8.22 -24.46 -14.54
C VAL A 212 9.07 -23.32 -15.06
N PHE A 213 8.84 -22.14 -14.51
CA PHE A 213 9.71 -20.98 -14.71
C PHE A 213 10.43 -20.59 -13.44
N ASN A 214 9.71 -20.59 -12.31
CA ASN A 214 10.27 -20.58 -10.97
C ASN A 214 9.31 -21.31 -10.05
N GLN A 215 9.81 -22.30 -9.32
CA GLN A 215 8.94 -23.08 -8.47
C GLN A 215 8.44 -22.23 -7.30
N CYS A 216 7.12 -22.26 -7.09
CA CYS A 216 6.49 -21.42 -6.08
C CYS A 216 5.40 -22.24 -5.38
N GLU A 217 4.56 -21.54 -4.64
CA GLU A 217 3.42 -22.16 -3.96
C GLU A 217 2.25 -22.26 -4.95
N GLY A 218 1.07 -22.55 -4.44
CA GLY A 218 -0.08 -22.79 -5.31
C GLY A 218 -0.37 -21.60 -6.19
N GLU A 219 -0.97 -21.87 -7.36
CA GLU A 219 -1.22 -20.85 -8.35
C GLU A 219 -2.62 -20.98 -8.91
N SER A 220 -3.14 -19.86 -9.43
CA SER A 220 -4.44 -19.81 -10.08
C SER A 220 -4.32 -20.32 -11.51
N LEU A 221 -5.35 -20.10 -12.33
CA LEU A 221 -5.25 -20.56 -13.71
C LEU A 221 -5.61 -19.45 -14.70
N PRO A 222 -6.89 -19.10 -14.91
CA PRO A 222 -7.23 -18.32 -16.11
C PRO A 222 -6.52 -16.97 -16.17
N GLN A 223 -5.53 -16.85 -17.06
CA GLN A 223 -4.85 -15.59 -17.30
C GLN A 223 -4.13 -15.66 -18.65
N PRO A 224 -4.57 -14.91 -19.66
CA PRO A 224 -3.78 -14.83 -20.90
C PRO A 224 -2.56 -13.96 -20.70
N PHE A 225 -1.50 -14.20 -21.46
CA PHE A 225 -0.20 -13.64 -21.13
C PHE A 225 0.51 -13.29 -22.42
N ASP A 226 1.12 -12.10 -22.48
CA ASP A 226 1.63 -11.55 -23.72
C ASP A 226 2.92 -10.75 -23.52
N VAL A 227 4.04 -11.43 -23.77
CA VAL A 227 5.36 -10.80 -23.75
C VAL A 227 6.09 -11.24 -25.02
N ALA A 228 7.14 -10.52 -25.40
CA ALA A 228 7.94 -10.87 -26.57
C ALA A 228 8.86 -12.03 -26.26
N TRP A 229 9.36 -12.67 -27.31
CA TRP A 229 10.17 -13.85 -27.12
C TRP A 229 11.07 -14.05 -28.33
N MET A 230 12.14 -14.81 -28.12
CA MET A 230 13.05 -15.19 -29.19
C MET A 230 13.52 -16.62 -28.95
N ASP A 231 13.93 -17.29 -30.03
CA ASP A 231 14.43 -18.65 -29.99
C ASP A 231 15.85 -18.68 -30.54
N VAL A 232 16.73 -19.41 -29.86
CA VAL A 232 18.14 -19.44 -30.23
C VAL A 232 18.63 -20.87 -30.45
N GLY A 233 17.72 -21.82 -30.66
CA GLY A 233 18.10 -23.19 -30.89
C GLY A 233 18.08 -24.09 -29.67
N HIS A 234 17.47 -23.65 -28.57
CA HIS A 234 17.46 -24.45 -27.36
C HIS A 234 16.02 -24.72 -26.91
N SER A 235 15.89 -25.57 -25.89
CA SER A 235 14.57 -26.03 -25.48
C SER A 235 13.74 -24.91 -24.86
N HIS A 236 14.29 -24.18 -23.91
CA HIS A 236 13.53 -23.20 -23.15
C HIS A 236 13.46 -21.88 -23.90
N LYS A 237 12.24 -21.35 -24.05
CA LYS A 237 12.06 -20.05 -24.68
C LYS A 237 12.56 -18.94 -23.74
N ILE A 238 12.86 -17.79 -24.33
CA ILE A 238 13.39 -16.64 -23.60
C ILE A 238 12.45 -15.46 -23.82
N ILE A 239 12.21 -14.69 -22.77
CA ILE A 239 11.36 -13.51 -22.84
C ILE A 239 12.16 -12.30 -22.38
N MET A 240 11.69 -11.11 -22.77
CA MET A 240 12.45 -9.91 -22.47
C MET A 240 11.49 -8.72 -22.28
N ARG A 241 11.97 -7.74 -21.51
CA ARG A 241 11.31 -6.44 -21.37
C ARG A 241 12.29 -5.28 -21.50
N GLU A 242 13.60 -5.53 -21.41
CA GLU A 242 14.61 -4.49 -21.44
C GLU A 242 15.55 -4.66 -22.62
N HIS A 243 15.04 -5.12 -23.76
CA HIS A 243 15.88 -5.52 -24.88
C HIS A 243 16.03 -4.41 -25.90
N LYS A 244 17.16 -4.44 -26.60
CA LYS A 244 17.42 -3.53 -27.71
C LYS A 244 17.70 -4.36 -28.95
N THR A 245 16.92 -4.16 -30.00
CA THR A 245 17.05 -4.89 -31.24
C THR A 245 18.07 -4.18 -32.15
N LYS A 246 18.27 -4.75 -33.34
CA LYS A 246 19.25 -4.21 -34.27
C LYS A 246 18.96 -4.80 -35.63
N TRP A 247 18.91 -3.95 -36.65
CA TRP A 247 18.53 -4.35 -38.01
C TRP A 247 19.69 -4.14 -38.97
N VAL A 248 20.27 -5.24 -39.44
CA VAL A 248 21.31 -5.24 -40.45
C VAL A 248 20.86 -6.13 -41.61
N GLN A 249 21.08 -5.67 -42.83
CA GLN A 249 20.82 -6.46 -44.02
C GLN A 249 22.11 -6.60 -44.81
N GLU A 250 22.44 -7.83 -45.19
CA GLU A 250 23.67 -8.12 -45.90
C GLU A 250 23.38 -9.07 -47.04
N SER A 251 24.16 -8.97 -48.10
CA SER A 251 23.95 -9.82 -49.28
C SER A 251 24.26 -11.28 -48.95
N SER A 252 23.20 -12.07 -48.78
CA SER A 252 23.33 -13.50 -48.56
C SER A 252 22.66 -14.22 -49.72
N SER A 253 23.37 -15.19 -50.29
CA SER A 253 22.86 -15.89 -51.48
C SER A 253 21.50 -16.50 -51.22
N LYS A 254 21.23 -16.93 -49.98
CA LYS A 254 19.91 -17.44 -49.63
C LYS A 254 18.86 -16.34 -49.73
N ASP A 255 19.23 -15.10 -49.38
CA ASP A 255 18.29 -13.98 -49.41
C ASP A 255 18.28 -13.37 -50.80
N PHE A 256 17.81 -14.15 -51.76
CA PHE A 256 17.67 -13.68 -53.14
C PHE A 256 16.53 -14.41 -53.81
N VAL A 257 16.02 -13.80 -54.88
CA VAL A 257 14.94 -14.34 -55.70
C VAL A 257 15.37 -14.31 -57.15
N CYS A 258 15.08 -15.37 -57.89
CA CYS A 258 15.35 -15.44 -59.31
C CYS A 258 14.12 -16.00 -60.02
N TYR A 259 13.67 -15.29 -61.06
CA TYR A 259 12.44 -15.61 -61.76
C TYR A 259 12.61 -15.36 -63.25
N LYS A 260 12.13 -16.28 -64.07
CA LYS A 260 12.31 -16.16 -65.51
C LYS A 260 11.32 -15.18 -66.12
N GLU A 261 10.32 -14.76 -65.34
CA GLU A 261 9.23 -13.85 -65.72
C GLU A 261 8.45 -14.39 -66.91
N GLY A 262 8.76 -15.62 -67.34
CA GLY A 262 8.02 -16.34 -68.35
C GLY A 262 8.14 -17.81 -68.01
N THR A 263 7.00 -18.50 -67.90
CA THR A 263 6.94 -19.84 -67.31
C THR A 263 7.51 -19.81 -65.89
N GLY A 264 7.26 -18.71 -65.20
CA GLY A 264 7.55 -18.59 -63.79
C GLY A 264 9.02 -18.45 -63.44
N PRO A 265 9.43 -19.10 -62.36
CA PRO A 265 10.78 -18.89 -61.83
C PRO A 265 11.86 -19.55 -62.68
N CYS A 266 13.11 -19.22 -62.34
CA CYS A 266 14.25 -19.81 -63.03
C CYS A 266 14.36 -21.30 -62.68
N SER A 267 15.17 -22.01 -63.45
CA SER A 267 15.42 -23.42 -63.16
C SER A 267 16.50 -23.56 -62.08
N GLU A 268 16.56 -24.75 -61.48
CA GLU A 268 17.66 -25.04 -60.57
C GLU A 268 19.00 -25.01 -61.30
N SER A 269 19.04 -25.56 -62.52
CA SER A 269 20.23 -25.40 -63.34
C SER A 269 20.49 -23.94 -63.67
N GLU A 270 19.43 -23.12 -63.68
CA GLU A 270 19.58 -21.69 -63.96
C GLU A 270 20.02 -20.91 -62.72
N GLU A 271 19.30 -21.03 -61.60
CA GLU A 271 19.68 -20.29 -60.41
C GLU A 271 21.04 -20.71 -59.86
N LYS A 272 21.37 -22.01 -59.94
CA LYS A 272 22.73 -22.42 -59.60
C LYS A 272 23.74 -21.80 -60.55
N ALA A 273 23.40 -21.70 -61.83
CA ALA A 273 24.27 -20.98 -62.76
C ALA A 273 24.35 -19.50 -62.40
N CYS A 274 23.22 -18.87 -62.08
CA CYS A 274 23.18 -17.42 -61.85
C CYS A 274 23.85 -17.00 -60.54
N LYS A 275 24.50 -17.91 -59.82
CA LYS A 275 25.50 -17.52 -58.83
C LYS A 275 26.90 -17.82 -59.33
N THR A 276 27.04 -18.25 -60.59
CA THR A 276 28.33 -18.49 -61.21
C THR A 276 28.37 -17.92 -62.62
N SER A 277 27.20 -17.69 -63.22
CA SER A 277 27.10 -17.31 -64.63
C SER A 277 27.36 -15.83 -64.81
N GLY A 278 27.36 -15.38 -66.06
CA GLY A 278 27.62 -13.99 -66.38
C GLY A 278 26.71 -13.41 -67.44
N SER A 279 25.46 -13.85 -67.48
CA SER A 279 24.52 -13.30 -68.46
C SER A 279 23.20 -12.82 -67.87
N CYS A 280 22.74 -13.35 -66.74
CA CYS A 280 21.47 -12.93 -66.16
C CYS A 280 21.68 -11.66 -65.34
N ARG A 281 21.03 -10.57 -65.77
CA ARG A 281 21.24 -9.26 -65.18
C ARG A 281 20.45 -9.11 -63.89
N GLY A 282 20.61 -7.97 -63.24
CA GLY A 282 19.95 -7.73 -61.97
C GLY A 282 20.17 -6.31 -61.48
N ASP A 283 19.56 -6.04 -60.33
CA ASP A 283 19.64 -4.73 -59.69
C ASP A 283 20.95 -4.60 -58.92
N MET A 284 21.06 -3.55 -58.11
CA MET A 284 22.28 -3.33 -57.33
C MET A 284 22.27 -4.19 -56.06
N GLN A 285 23.40 -4.17 -55.36
CA GLN A 285 23.76 -5.13 -54.32
C GLN A 285 23.88 -6.54 -54.86
N PHE A 286 23.72 -6.68 -56.17
CA PHE A 286 23.88 -7.93 -56.90
C PHE A 286 24.93 -7.85 -57.99
N CYS A 287 25.45 -6.66 -58.30
CA CYS A 287 26.44 -6.47 -59.34
C CYS A 287 27.79 -6.02 -58.81
N LYS A 288 27.82 -5.28 -57.70
CA LYS A 288 29.09 -4.86 -57.11
C LYS A 288 29.91 -6.06 -56.67
N VAL A 289 29.28 -7.04 -56.03
CA VAL A 289 29.99 -8.17 -55.43
C VAL A 289 29.69 -9.47 -56.16
N ALA A 290 28.43 -9.71 -56.54
CA ALA A 290 28.07 -10.94 -57.23
C ALA A 290 28.34 -10.90 -58.72
N GLY A 291 28.66 -9.73 -59.27
CA GLY A 291 29.17 -9.64 -60.62
C GLY A 291 28.16 -9.83 -61.74
N CYS A 292 27.23 -8.89 -61.89
CA CYS A 292 26.40 -8.88 -63.09
C CYS A 292 27.27 -8.51 -64.28
N GLU A 293 27.60 -9.50 -65.11
CA GLU A 293 28.40 -9.22 -66.30
C GLU A 293 27.59 -8.49 -67.36
N HIS A 294 26.28 -8.32 -67.12
CA HIS A 294 25.37 -7.50 -67.93
C HIS A 294 25.53 -7.79 -69.42
N GLY A 295 25.28 -9.05 -69.78
CA GLY A 295 25.21 -9.42 -71.18
C GLY A 295 24.15 -8.62 -71.88
N GLU A 296 24.53 -7.93 -72.96
CA GLU A 296 23.64 -6.97 -73.62
C GLU A 296 22.56 -7.75 -74.36
N GLU A 297 21.59 -8.25 -73.60
CA GLU A 297 20.53 -9.09 -74.12
C GLU A 297 19.42 -8.21 -74.68
N ALA A 298 19.56 -7.88 -75.96
CA ALA A 298 18.57 -7.04 -76.63
C ALA A 298 17.21 -7.74 -76.70
N SER A 299 17.21 -9.04 -76.98
CA SER A 299 15.99 -9.82 -77.06
C SER A 299 16.17 -11.10 -76.25
N GLU A 300 15.08 -11.56 -75.64
CA GLU A 300 15.06 -12.79 -74.84
C GLU A 300 16.10 -12.73 -73.72
N ALA A 301 15.92 -11.78 -72.81
CA ALA A 301 16.84 -11.62 -71.70
C ALA A 301 16.75 -12.81 -70.74
N LYS A 302 17.88 -13.15 -70.14
CA LYS A 302 17.89 -14.19 -69.11
C LYS A 302 17.21 -13.68 -67.85
N CYS A 303 16.98 -14.59 -66.91
CA CYS A 303 16.11 -14.28 -65.79
C CYS A 303 16.82 -13.41 -64.75
N ARG A 304 16.14 -12.33 -64.34
CA ARG A 304 16.71 -11.31 -63.49
C ARG A 304 16.53 -11.68 -62.02
N CYS A 305 17.57 -11.45 -61.22
CA CYS A 305 17.54 -11.71 -59.79
C CYS A 305 17.67 -10.39 -59.03
N SER A 306 16.72 -10.13 -58.14
CA SER A 306 16.70 -8.93 -57.31
C SER A 306 16.50 -9.33 -55.85
N LEU A 307 16.26 -8.33 -55.00
CA LEU A 307 16.07 -8.56 -53.59
C LEU A 307 14.59 -8.64 -53.23
N VAL A 308 14.29 -9.36 -52.15
CA VAL A 308 12.93 -9.43 -51.66
C VAL A 308 12.67 -8.25 -50.74
N HIS A 309 11.39 -7.85 -50.66
CA HIS A 309 10.99 -6.69 -49.87
C HIS A 309 10.97 -7.07 -48.39
N LYS A 310 12.18 -7.11 -47.81
CA LYS A 310 12.36 -7.44 -46.40
C LYS A 310 13.14 -6.34 -45.71
N PRO A 311 12.92 -6.12 -44.41
CA PRO A 311 13.75 -5.13 -43.70
C PRO A 311 15.19 -5.59 -43.53
N GLY A 312 15.41 -6.81 -43.08
CA GLY A 312 16.77 -7.33 -42.95
C GLY A 312 16.87 -8.28 -41.77
N GLU A 313 18.10 -8.70 -41.52
CA GLU A 313 18.38 -9.65 -40.46
C GLU A 313 18.13 -9.01 -39.09
N VAL A 314 17.85 -9.86 -38.10
CA VAL A 314 17.59 -9.41 -36.74
C VAL A 314 18.74 -9.87 -35.86
N VAL A 315 19.12 -9.04 -34.89
CA VAL A 315 20.03 -9.43 -33.82
C VAL A 315 19.48 -8.84 -32.53
N VAL A 316 19.36 -9.68 -31.50
CA VAL A 316 18.87 -9.24 -30.20
C VAL A 316 20.07 -9.03 -29.28
N SER A 317 20.24 -7.81 -28.80
CA SER A 317 21.24 -7.48 -27.79
C SER A 317 20.50 -7.15 -26.51
N TYR A 318 20.77 -7.92 -25.46
CA TYR A 318 19.93 -7.94 -24.26
C TYR A 318 20.81 -8.02 -23.02
N GLY A 319 21.14 -6.85 -22.46
CA GLY A 319 21.86 -6.78 -21.20
C GLY A 319 23.26 -7.36 -21.25
N GLY A 320 24.14 -6.75 -22.04
CA GLY A 320 25.50 -7.22 -22.13
C GLY A 320 25.70 -8.49 -22.93
N MET A 321 24.82 -8.76 -23.89
CA MET A 321 24.91 -9.96 -24.72
C MET A 321 24.57 -9.61 -26.16
N ARG A 322 25.06 -10.44 -27.08
CA ARG A 322 24.77 -10.31 -28.50
C ARG A 322 24.34 -11.67 -29.02
N VAL A 323 23.07 -11.79 -29.39
CA VAL A 323 22.46 -13.09 -29.67
C VAL A 323 21.71 -12.99 -31.00
N ARG A 324 21.78 -14.08 -31.80
CA ARG A 324 21.11 -14.23 -33.09
C ARG A 324 19.79 -14.97 -32.91
N PRO A 325 18.66 -14.40 -33.31
CA PRO A 325 17.39 -15.11 -33.20
C PRO A 325 17.05 -15.95 -34.43
N LYS A 326 16.74 -17.24 -34.23
CA LYS A 326 16.16 -18.02 -35.31
C LYS A 326 14.78 -17.50 -35.68
N CYS A 327 13.96 -17.21 -34.67
CA CYS A 327 12.64 -16.65 -34.89
C CYS A 327 12.32 -15.66 -33.78
N TYR A 328 12.19 -14.39 -34.16
CA TYR A 328 11.84 -13.32 -33.24
C TYR A 328 10.36 -13.00 -33.42
N GLY A 329 9.62 -13.00 -32.33
CA GLY A 329 8.19 -12.80 -32.44
C GLY A 329 7.53 -12.51 -31.10
N PHE A 330 6.27 -12.11 -31.20
CA PHE A 330 5.42 -11.82 -30.05
C PHE A 330 4.17 -12.67 -30.20
N SER A 331 3.66 -13.21 -29.10
CA SER A 331 2.40 -13.95 -29.16
C SER A 331 1.80 -14.06 -27.76
N ARG A 332 0.50 -14.33 -27.73
CA ARG A 332 -0.22 -14.48 -26.48
C ARG A 332 -0.07 -15.90 -25.95
N MET A 333 0.00 -16.04 -24.62
CA MET A 333 0.31 -17.31 -23.99
C MET A 333 -0.64 -17.56 -22.85
N MET A 334 -0.81 -18.84 -22.51
CA MET A 334 -1.66 -19.24 -21.39
C MET A 334 -0.80 -19.34 -20.13
N ALA A 335 -1.15 -18.59 -19.10
CA ALA A 335 -0.29 -18.46 -17.93
C ALA A 335 -1.07 -18.67 -16.63
N THR A 336 -0.37 -18.48 -15.51
CA THR A 336 -0.92 -18.66 -14.18
C THR A 336 -0.30 -17.63 -13.25
N MET A 337 -0.98 -17.39 -12.13
CA MET A 337 -0.54 -16.41 -11.14
C MET A 337 -0.66 -17.01 -9.74
N GLU A 338 0.12 -16.47 -8.81
CA GLU A 338 0.16 -16.96 -7.45
C GLU A 338 -0.10 -15.83 -6.46
N VAL A 339 -0.35 -16.21 -5.22
CA VAL A 339 -0.61 -15.25 -4.14
C VAL A 339 -0.05 -15.81 -2.85
N ASN A 340 0.40 -14.92 -1.97
CA ASN A 340 1.00 -15.26 -0.69
C ASN A 340 0.21 -14.56 0.41
N PRO A 341 -0.39 -15.30 1.33
CA PRO A 341 -1.35 -14.69 2.27
C PRO A 341 -0.69 -13.67 3.18
N PRO A 342 -1.29 -12.48 3.32
CA PRO A 342 -0.72 -11.46 4.21
C PRO A 342 -1.27 -11.53 5.63
N GLU A 343 -0.41 -11.13 6.58
CA GLU A 343 -0.74 -11.06 7.99
C GLU A 343 -0.24 -12.24 8.84
N GLN A 344 0.05 -11.89 10.10
CA GLN A 344 0.50 -12.78 11.18
C GLN A 344 0.08 -12.12 12.51
N ARG A 345 -0.02 -12.89 13.60
CA ARG A 345 -0.43 -12.32 14.91
C ARG A 345 0.38 -12.80 16.13
N ILE A 346 0.48 -11.93 17.15
CA ILE A 346 1.23 -12.24 18.39
C ILE A 346 0.62 -11.74 19.71
N GLY A 347 0.88 -12.47 20.80
CA GLY A 347 0.44 -12.16 22.16
C GLY A 347 1.37 -12.86 23.15
N GLN A 348 1.43 -12.47 24.44
CA GLN A 348 2.37 -13.23 25.25
C GLN A 348 2.45 -12.61 26.65
N CYS A 349 2.57 -13.47 27.65
CA CYS A 349 2.59 -13.03 29.04
C CYS A 349 3.83 -12.19 29.31
N THR A 350 3.67 -11.19 30.16
CA THR A 350 4.76 -10.30 30.57
C THR A 350 4.71 -10.10 32.07
N GLY A 351 5.89 -10.00 32.69
CA GLY A 351 5.98 -9.75 34.11
C GLY A 351 6.03 -8.25 34.40
N CYS A 352 5.06 -7.78 35.17
CA CYS A 352 4.97 -6.37 35.52
C CYS A 352 4.91 -6.25 37.04
N HIS A 353 5.84 -5.49 37.62
CA HIS A 353 5.90 -5.30 39.05
C HIS A 353 6.36 -3.88 39.34
N LEU A 354 6.09 -3.43 40.57
CA LEU A 354 6.35 -2.06 40.98
C LEU A 354 7.17 -2.06 42.25
N GLU A 355 8.44 -1.66 42.16
CA GLU A 355 9.30 -1.63 43.34
C GLU A 355 8.92 -0.50 44.28
N CYS A 356 8.75 0.71 43.75
CA CYS A 356 8.43 1.89 44.55
C CYS A 356 7.78 2.91 43.63
N ILE A 357 7.21 3.94 44.23
CA ILE A 357 6.47 4.97 43.50
C ILE A 357 6.80 6.33 44.10
N ASN A 358 7.08 7.31 43.23
CA ASN A 358 7.17 8.71 43.61
C ASN A 358 6.40 9.60 42.64
N GLY A 359 5.24 9.14 42.17
CA GLY A 359 4.44 9.93 41.27
C GLY A 359 3.85 11.15 41.95
N GLY A 360 3.45 12.12 41.13
CA GLY A 360 3.01 13.41 41.63
C GLY A 360 3.04 14.44 40.52
N VAL A 361 3.78 15.52 40.74
CA VAL A 361 4.09 16.44 39.65
C VAL A 361 5.41 16.04 39.00
N ARG A 362 6.30 15.42 39.75
CA ARG A 362 7.63 15.09 39.27
C ARG A 362 7.59 13.94 38.27
N LEU A 363 8.42 14.06 37.23
CA LEU A 363 8.28 13.22 36.04
C LEU A 363 8.72 11.78 36.29
N ILE A 364 9.65 11.56 37.21
CA ILE A 364 10.29 10.26 37.35
C ILE A 364 9.46 9.34 38.22
N THR A 365 9.36 8.07 37.83
CA THR A 365 8.86 7.00 38.68
C THR A 365 9.64 5.72 38.41
N LEU A 366 9.50 4.76 39.33
CA LEU A 366 10.20 3.48 39.27
C LEU A 366 9.16 2.39 38.99
N THR A 367 9.20 1.84 37.77
CA THR A 367 8.29 0.78 37.37
C THR A 367 9.08 -0.35 36.72
N SER A 368 8.84 -1.58 37.15
CA SER A 368 9.62 -2.74 36.71
C SER A 368 8.71 -3.70 35.95
N GLU A 369 8.61 -3.50 34.63
CA GLU A 369 7.88 -4.42 33.77
C GLU A 369 8.82 -5.03 32.75
N LEU A 370 8.42 -6.19 32.24
CA LEU A 370 9.27 -7.02 31.40
C LEU A 370 8.44 -7.50 30.22
N LYS A 371 9.02 -8.41 29.43
CA LYS A 371 8.36 -8.97 28.27
C LYS A 371 8.89 -10.36 27.99
N SER A 372 8.01 -11.23 27.51
CA SER A 372 8.38 -12.59 27.09
C SER A 372 7.95 -12.76 25.63
N ALA A 373 8.80 -12.30 24.72
CA ALA A 373 8.49 -12.31 23.30
C ALA A 373 9.78 -12.16 22.52
N THR A 374 9.67 -12.28 21.20
CA THR A 374 10.82 -12.26 20.32
C THR A 374 10.67 -11.31 19.15
N VAL A 375 9.56 -10.58 19.06
CA VAL A 375 9.25 -9.84 17.84
C VAL A 375 10.21 -8.67 17.68
N CYS A 376 10.64 -8.42 16.44
CA CYS A 376 11.55 -7.33 16.16
C CYS A 376 10.87 -5.98 16.35
N ALA A 377 9.66 -5.82 15.83
CA ALA A 377 8.93 -4.58 15.91
C ALA A 377 8.06 -4.56 17.17
N SER A 378 8.25 -3.52 17.98
CA SER A 378 7.53 -3.37 19.24
C SER A 378 6.42 -2.36 19.03
N HIS A 379 5.24 -2.67 19.57
CA HIS A 379 4.06 -1.82 19.42
C HIS A 379 4.10 -0.67 20.44
N PHE A 380 2.96 -0.01 20.62
CA PHE A 380 2.86 1.14 21.52
C PHE A 380 3.01 0.69 22.98
N CYS A 381 2.75 1.62 23.88
CA CYS A 381 2.42 1.34 25.28
C CYS A 381 1.37 2.36 25.72
N SER A 382 0.95 2.27 26.97
CA SER A 382 -0.15 3.11 27.43
C SER A 382 0.25 3.83 28.71
N SER A 383 -0.77 4.40 29.36
CA SER A 383 -0.61 5.37 30.42
C SER A 383 -1.24 4.85 31.70
N ALA A 384 -1.15 5.66 32.74
CA ALA A 384 -1.75 5.35 34.03
C ALA A 384 -2.89 6.33 34.29
N THR A 385 -3.48 6.28 35.49
CA THR A 385 -4.54 7.21 35.87
C THR A 385 -3.99 8.63 35.95
N SER A 386 -4.89 9.60 36.05
CA SER A 386 -4.54 11.02 36.16
C SER A 386 -3.66 11.50 35.00
N GLY A 387 -3.98 11.07 33.78
CA GLY A 387 -3.43 11.70 32.59
C GLY A 387 -1.95 11.47 32.35
N LYS A 388 -1.57 10.26 31.95
CA LYS A 388 -0.16 9.99 31.67
C LYS A 388 0.09 9.89 30.16
N LYS A 389 1.35 10.03 29.78
CA LYS A 389 1.83 9.67 28.45
C LYS A 389 3.30 9.35 28.55
N SER A 390 3.64 8.07 28.64
CA SER A 390 4.99 7.63 28.93
C SER A 390 5.91 7.97 27.76
N THR A 391 7.08 8.52 28.08
CA THR A 391 8.03 8.92 27.05
C THR A 391 8.59 7.73 26.29
N GLU A 392 8.40 6.51 26.80
CA GLU A 392 8.86 5.28 26.14
C GLU A 392 7.65 4.36 26.02
N ILE A 393 7.00 4.39 24.86
CA ILE A 393 5.87 3.50 24.61
C ILE A 393 6.33 2.32 23.76
N HIS A 394 7.15 2.59 22.75
CA HIS A 394 7.70 1.56 21.89
C HIS A 394 9.16 1.33 22.24
N PHE A 395 9.52 0.09 22.53
CA PHE A 395 10.88 -0.26 22.89
C PHE A 395 11.11 -1.73 22.56
N HIS A 396 12.30 -2.01 22.04
CA HIS A 396 12.56 -3.26 21.31
C HIS A 396 12.18 -4.48 22.15
N SER A 397 11.52 -5.44 21.50
CA SER A 397 10.94 -6.60 22.16
C SER A 397 11.54 -7.92 21.69
N GLY A 398 12.76 -7.91 21.18
CA GLY A 398 13.38 -9.16 20.74
C GLY A 398 13.80 -10.06 21.89
N SER A 399 14.49 -9.49 22.87
CA SER A 399 15.15 -10.30 23.90
C SER A 399 14.69 -9.95 25.31
N LEU A 400 15.31 -10.55 26.32
CA LEU A 400 14.90 -10.34 27.70
C LEU A 400 15.36 -8.98 28.20
N VAL A 401 14.76 -7.91 27.68
CA VAL A 401 15.13 -6.55 28.06
C VAL A 401 14.00 -5.94 28.87
N GLY A 402 14.25 -5.73 30.16
CA GLY A 402 13.27 -5.08 31.00
C GLY A 402 13.07 -3.63 30.61
N LYS A 403 11.90 -3.09 30.95
CA LYS A 403 11.54 -1.71 30.63
C LYS A 403 11.18 -1.00 31.93
N ALA A 404 11.86 0.11 32.20
CA ALA A 404 11.63 0.92 33.39
C ALA A 404 11.06 2.27 32.94
N ALA A 405 9.75 2.42 33.12
CA ALA A 405 9.07 3.63 32.65
C ALA A 405 9.09 4.71 33.72
N ILE A 406 8.51 5.86 33.36
CA ILE A 406 8.42 7.03 34.24
C ILE A 406 6.99 7.55 34.19
N HIS A 407 6.51 8.07 35.33
CA HIS A 407 5.14 8.56 35.44
C HIS A 407 5.06 9.67 36.49
N VAL A 408 3.86 10.17 36.70
CA VAL A 408 3.59 11.15 37.75
C VAL A 408 2.40 10.69 38.59
N LYS A 409 2.18 9.39 38.70
CA LYS A 409 0.92 8.86 39.21
C LYS A 409 0.75 9.12 40.71
N GLY A 410 1.57 8.48 41.55
CA GLY A 410 1.55 8.77 42.98
C GLY A 410 0.27 8.45 43.72
N ALA A 411 -0.45 7.39 43.34
CA ALA A 411 -1.53 6.88 44.15
C ALA A 411 -1.00 5.84 45.13
N LEU A 412 -1.92 5.12 45.77
CA LEU A 412 -1.49 4.04 46.68
C LEU A 412 -1.32 2.72 45.92
N VAL A 413 -2.38 2.24 45.28
CA VAL A 413 -2.26 1.01 44.49
C VAL A 413 -1.44 1.27 43.24
N ASP A 414 -1.77 2.32 42.48
CA ASP A 414 -1.04 2.69 41.26
C ASP A 414 -0.93 1.52 40.29
N GLY A 415 -2.07 0.97 39.91
CA GLY A 415 -2.11 -0.16 38.99
C GLY A 415 -2.94 0.11 37.75
N THR A 416 -2.36 -0.11 36.58
CA THR A 416 -2.97 0.30 35.33
C THR A 416 -2.63 -0.69 34.22
N GLU A 417 -2.92 -0.28 32.99
CA GLU A 417 -3.01 -1.20 31.86
C GLU A 417 -2.32 -0.62 30.64
N PHE A 418 -1.83 -1.48 29.75
CA PHE A 418 -1.34 -1.08 28.44
C PHE A 418 -1.89 -1.98 27.35
N THR A 419 -2.36 -1.37 26.27
CA THR A 419 -2.95 -2.09 25.15
C THR A 419 -2.01 -2.07 23.93
N PHE A 420 -1.05 -3.00 23.90
CA PHE A 420 -0.59 -3.39 22.58
C PHE A 420 -0.66 -4.90 22.42
N GLU A 421 -0.09 -5.63 23.39
CA GLU A 421 -0.12 -7.08 23.40
C GLU A 421 -0.43 -7.68 24.77
N GLY A 422 -0.14 -6.97 25.86
CA GLY A 422 -0.40 -7.52 27.19
C GLY A 422 -1.87 -7.52 27.52
N SER A 423 -2.63 -6.60 26.92
CA SER A 423 -4.07 -6.55 27.07
C SER A 423 -4.48 -6.35 28.53
N CYS A 424 -4.11 -5.21 29.09
CA CYS A 424 -4.75 -4.62 30.28
C CYS A 424 -4.75 -5.56 31.49
N MET A 425 -3.55 -5.82 32.01
CA MET A 425 -3.47 -6.61 33.24
C MET A 425 -3.63 -5.72 34.47
N PHE A 426 -3.67 -6.36 35.63
CA PHE A 426 -4.06 -5.68 36.85
C PHE A 426 -2.98 -5.82 37.93
N PRO A 427 -2.09 -4.83 38.05
CA PRO A 427 -1.08 -4.89 39.13
C PRO A 427 -1.60 -4.31 40.43
N ASP A 428 -0.92 -4.64 41.54
CA ASP A 428 -1.29 -4.17 42.87
C ASP A 428 -0.10 -3.43 43.49
N GLY A 429 -0.40 -2.41 44.28
CA GLY A 429 0.64 -1.64 44.95
C GLY A 429 0.15 -1.06 46.24
N CYS A 430 1.08 -0.57 47.05
CA CYS A 430 0.78 0.06 48.33
C CYS A 430 1.87 1.07 48.64
N ASN A 431 1.45 2.28 49.04
CA ASN A 431 2.38 3.39 49.24
C ASN A 431 2.04 4.15 50.52
N ALA A 432 3.08 4.44 51.31
CA ALA A 432 2.94 5.43 52.36
C ALA A 432 3.11 6.83 51.77
N VAL A 433 2.75 7.84 52.56
CA VAL A 433 2.68 9.21 52.06
C VAL A 433 3.80 10.10 52.59
N ASP A 434 4.96 9.53 52.94
CA ASP A 434 6.01 10.33 53.55
C ASP A 434 6.91 10.97 52.50
N CYS A 435 6.82 12.30 52.39
CA CYS A 435 7.56 13.11 51.42
C CYS A 435 7.67 14.53 51.94
N THR A 436 8.02 15.48 51.07
CA THR A 436 8.12 16.87 51.48
C THR A 436 6.80 17.35 52.08
N PHE A 437 6.90 18.08 53.19
CA PHE A 437 5.78 18.35 54.07
C PHE A 437 5.14 19.71 53.85
N CYS A 438 5.43 20.38 52.73
CA CYS A 438 4.80 21.66 52.45
C CYS A 438 3.31 21.49 52.24
N ARG A 439 2.52 22.39 52.84
CA ARG A 439 1.08 22.35 52.73
C ARG A 439 0.52 23.73 53.00
N GLU A 440 -0.53 24.09 52.24
CA GLU A 440 -1.16 25.39 52.41
C GLU A 440 -1.82 25.51 53.79
N PHE A 441 -2.47 24.44 54.24
CA PHE A 441 -3.08 24.44 55.57
C PHE A 441 -1.99 24.40 56.64
N LEU A 442 -2.35 24.86 57.83
CA LEU A 442 -1.41 25.00 58.93
C LEU A 442 -1.74 24.02 60.04
N LYS A 443 -0.75 23.24 60.45
CA LYS A 443 -0.83 22.29 61.57
C LYS A 443 -2.01 21.36 61.33
N ASN A 444 -2.81 21.04 62.35
CA ASN A 444 -3.96 20.15 62.20
C ASN A 444 -4.91 20.37 63.36
N PRO A 445 -6.12 19.86 63.20
CA PRO A 445 -7.12 19.95 64.27
C PRO A 445 -6.70 19.06 65.43
N GLN A 446 -6.75 19.62 66.63
CA GLN A 446 -6.34 18.92 67.84
C GLN A 446 -7.39 19.13 68.92
N CYS A 447 -7.50 18.15 69.82
CA CYS A 447 -8.50 18.22 70.89
C CYS A 447 -8.17 19.33 71.88
N TYR A 448 -6.89 19.56 72.15
CA TYR A 448 -6.44 20.59 73.10
C TYR A 448 -7.09 20.40 74.47
N PRO A 449 -8.17 21.14 74.69
CA PRO A 449 -8.91 21.15 75.95
C PRO A 449 -8.04 21.52 77.15
N ALA A 450 -7.00 22.33 76.93
CA ALA A 450 -6.22 22.95 77.99
C ALA A 450 -5.40 21.93 78.78
N LYS A 451 -5.51 20.65 78.43
CA LYS A 451 -4.54 19.67 78.91
C LYS A 451 -3.34 19.56 77.97
N LYS A 452 -3.55 19.81 76.67
CA LYS A 452 -2.50 19.76 75.66
C LYS A 452 -1.91 21.13 75.38
N TRP A 453 -2.74 22.18 75.45
CA TRP A 453 -2.22 23.53 75.25
C TRP A 453 -1.24 23.91 76.35
N LEU A 454 -1.53 23.54 77.60
CA LEU A 454 -0.65 23.89 78.70
C LEU A 454 0.72 23.21 78.55
N PHE A 455 0.73 21.94 78.16
CA PHE A 455 2.00 21.24 77.95
C PHE A 455 2.79 21.89 76.82
N ILE A 456 2.10 22.48 75.84
CA ILE A 456 2.79 23.15 74.75
C ILE A 456 3.50 24.41 75.24
N ILE A 457 2.91 25.12 76.18
CA ILE A 457 3.47 26.37 76.70
C ILE A 457 4.42 26.05 77.84
N ILE A 458 5.66 26.53 77.73
CA ILE A 458 6.67 26.26 78.75
C ILE A 458 7.35 27.55 79.20
N VAL A 459 8.41 27.42 79.99
CA VAL A 459 9.12 28.58 80.51
C VAL A 459 9.83 29.31 79.37
N ILE A 460 9.73 30.64 79.35
CA ILE A 460 10.36 31.41 78.29
C ILE A 460 11.73 31.94 78.72
N LEU A 461 11.89 32.29 80.00
CA LEU A 461 13.15 32.84 80.47
C LEU A 461 14.24 31.78 80.47
N LEU A 462 13.87 30.50 80.48
CA LEU A 462 14.87 29.44 80.42
C LEU A 462 15.66 29.50 79.11
N GLY A 463 14.96 29.77 78.00
CA GLY A 463 15.66 29.95 76.73
C GLY A 463 16.57 31.17 76.78
N TYR A 464 16.15 32.21 77.52
CA TYR A 464 17.00 33.39 77.67
C TYR A 464 18.18 33.10 78.59
N ALA A 465 18.02 32.15 79.51
CA ALA A 465 19.11 31.82 80.44
C ALA A 465 20.32 31.28 79.71
N GLY A 466 20.10 30.40 78.72
CA GLY A 466 21.22 29.78 78.03
C GLY A 466 22.07 30.80 77.28
N LEU A 467 21.42 31.77 76.62
CA LEU A 467 22.16 32.82 75.94
C LEU A 467 22.89 33.72 76.94
N MET A 468 22.33 33.87 78.15
CA MET A 468 22.96 34.71 79.15
C MET A 468 24.31 34.17 79.59
N LEU A 469 24.40 32.86 79.78
CA LEU A 469 25.66 32.27 80.24
C LEU A 469 26.75 32.40 79.20
N LEU A 470 26.39 32.32 77.91
CA LEU A 470 27.39 32.45 76.85
C LEU A 470 28.03 33.84 76.86
N THR A 471 27.24 34.87 77.20
CA THR A 471 27.78 36.23 77.26
C THR A 471 28.79 36.37 78.38
N ASN A 472 28.60 35.64 79.48
CA ASN A 472 29.52 35.73 80.61
C ASN A 472 30.89 35.13 80.27
N VAL A 473 30.89 34.01 79.53
CA VAL A 473 32.16 33.34 79.23
C VAL A 473 32.96 34.09 78.18
N LEU A 474 32.29 34.62 77.15
CA LEU A 474 33.00 35.30 76.07
C LEU A 474 33.74 36.53 76.57
N LYS A 475 33.10 37.34 77.41
CA LYS A 475 33.76 38.50 77.98
C LYS A 475 34.87 38.09 78.95
N ALA A 476 34.66 37.02 79.70
CA ALA A 476 35.65 36.53 80.65
C ALA A 476 36.83 35.88 79.91
N CYS B 1 -17.54 9.20 37.44
CA CYS B 1 -17.45 10.54 36.88
C CYS B 1 -17.63 11.60 37.96
N ASP B 2 -16.80 12.62 37.92
CA ASP B 2 -16.88 13.75 38.85
C ASP B 2 -17.75 14.86 38.30
N GLU B 3 -17.54 15.24 37.04
CA GLU B 3 -18.42 16.20 36.39
C GLU B 3 -19.57 15.45 35.72
N MET B 4 -20.79 15.89 35.99
CA MET B 4 -21.97 15.20 35.51
C MET B 4 -23.05 16.23 35.22
N VAL B 5 -23.70 16.10 34.07
CA VAL B 5 -24.81 16.97 33.70
C VAL B 5 -25.97 16.10 33.24
N HIS B 6 -27.16 16.42 33.71
CA HIS B 6 -28.35 15.69 33.30
C HIS B 6 -28.91 16.26 32.01
N ALA B 7 -29.76 15.48 31.35
CA ALA B 7 -30.36 15.90 30.09
C ALA B 7 -31.43 16.95 30.34
N ASP B 8 -32.08 17.39 29.27
CA ASP B 8 -33.23 18.30 29.32
C ASP B 8 -34.41 17.54 28.74
N SER B 9 -35.09 16.77 29.60
CA SER B 9 -36.14 15.85 29.18
C SER B 9 -37.45 16.53 28.87
N LYS B 10 -37.46 17.87 28.79
CA LYS B 10 -38.70 18.58 28.48
C LYS B 10 -39.28 18.16 27.14
N LEU B 11 -38.45 17.71 26.20
CA LEU B 11 -38.95 17.04 25.01
C LEU B 11 -39.53 15.69 25.41
N VAL B 12 -40.87 15.58 25.40
CA VAL B 12 -41.55 14.40 25.89
C VAL B 12 -42.43 13.85 24.77
N SER B 13 -42.11 12.65 24.29
CA SER B 13 -42.99 11.92 23.39
C SER B 13 -42.66 10.44 23.53
N CYS B 14 -43.47 9.72 24.31
CA CYS B 14 -43.23 8.32 24.61
C CYS B 14 -44.48 7.53 24.26
N ARG B 15 -44.31 6.49 23.44
CA ARG B 15 -45.41 5.62 23.05
C ARG B 15 -45.41 4.37 23.93
N GLN B 16 -46.57 4.05 24.48
CA GLN B 16 -46.68 2.96 25.45
C GLN B 16 -46.85 1.63 24.71
N GLY B 17 -45.79 1.27 23.99
CA GLY B 17 -45.81 0.01 23.26
C GLY B 17 -45.97 -1.20 24.16
N SER B 18 -45.36 -1.17 25.34
CA SER B 18 -45.52 -2.21 26.35
C SER B 18 -45.83 -1.56 27.69
N GLY B 19 -46.67 -2.22 28.48
CA GLY B 19 -47.09 -1.67 29.76
C GLY B 19 -46.13 -1.94 30.89
N ASN B 20 -45.49 -3.11 30.88
CA ASN B 20 -44.54 -3.44 31.94
C ASN B 20 -43.31 -2.52 31.86
N MET B 21 -42.71 -2.39 30.69
CA MET B 21 -41.60 -1.47 30.46
C MET B 21 -41.99 -0.51 29.36
N LYS B 22 -41.74 0.78 29.59
CA LYS B 22 -42.16 1.83 28.68
C LYS B 22 -41.18 1.95 27.51
N GLU B 23 -41.48 2.85 26.60
CA GLU B 23 -40.60 3.19 25.50
C GLU B 23 -40.71 4.68 25.24
N CYS B 24 -39.64 5.27 24.70
CA CYS B 24 -39.66 6.69 24.38
C CYS B 24 -38.56 6.98 23.38
N VAL B 25 -38.74 8.06 22.62
CA VAL B 25 -37.79 8.51 21.61
C VAL B 25 -37.64 10.02 21.74
N THR B 26 -36.40 10.49 21.85
CA THR B 26 -36.12 11.89 22.15
C THR B 26 -34.80 12.30 21.52
N THR B 27 -34.58 13.62 21.48
CA THR B 27 -33.34 14.20 20.97
C THR B 27 -33.01 15.48 21.72
N GLY B 28 -32.05 16.24 21.24
CA GLY B 28 -31.79 17.54 21.83
C GLY B 28 -30.33 17.94 21.67
N ARG B 29 -29.90 18.84 22.55
CA ARG B 29 -28.54 19.35 22.56
C ARG B 29 -28.07 19.43 24.00
N ALA B 30 -26.76 19.28 24.21
CA ALA B 30 -26.22 19.26 25.56
C ALA B 30 -24.87 19.96 25.58
N LEU B 31 -24.48 20.41 26.77
CA LEU B 31 -23.26 21.19 26.98
C LEU B 31 -22.59 20.70 28.26
N LEU B 32 -21.71 19.71 28.13
CA LEU B 32 -21.04 19.18 29.31
C LEU B 32 -19.58 19.64 29.35
N PRO B 33 -19.07 20.02 30.51
CA PRO B 33 -17.69 20.50 30.60
C PRO B 33 -16.68 19.37 30.37
N ALA B 34 -15.49 19.75 29.92
CA ALA B 34 -14.46 18.79 29.61
C ALA B 34 -13.89 18.19 30.89
N VAL B 35 -13.80 16.86 30.92
CA VAL B 35 -13.27 16.16 32.08
C VAL B 35 -11.75 16.08 31.97
N ASN B 36 -11.11 15.86 33.12
CA ASN B 36 -9.67 15.68 33.14
C ASN B 36 -9.29 14.40 32.42
N PRO B 37 -8.08 14.33 31.86
CA PRO B 37 -7.66 13.13 31.14
C PRO B 37 -7.58 11.92 32.07
N GLY B 38 -7.84 10.75 31.51
CA GLY B 38 -7.83 9.52 32.28
C GLY B 38 -9.10 9.21 33.05
N GLN B 39 -10.13 10.04 32.90
CA GLN B 39 -11.40 9.85 33.59
C GLN B 39 -12.54 9.95 32.59
N GLU B 40 -13.71 9.46 32.99
CA GLU B 40 -14.87 9.43 32.11
C GLU B 40 -15.92 10.43 32.60
N ALA B 41 -16.65 11.01 31.66
CA ALA B 41 -17.75 11.91 31.98
C ALA B 41 -19.09 11.25 31.71
N CYS B 42 -20.11 11.67 32.45
CA CYS B 42 -21.41 11.03 32.42
C CYS B 42 -22.44 11.91 31.70
N LEU B 43 -23.64 11.36 31.55
CA LEU B 43 -24.78 12.09 31.02
C LEU B 43 -26.04 11.36 31.46
N HIS B 44 -26.84 12.02 32.30
CA HIS B 44 -27.98 11.38 32.94
C HIS B 44 -29.23 11.56 32.09
N PHE B 45 -30.03 10.50 32.02
CA PHE B 45 -31.31 10.53 31.32
C PHE B 45 -32.45 10.41 32.32
N THR B 46 -33.49 11.20 32.11
CA THR B 46 -34.64 11.23 33.00
C THR B 46 -35.91 10.98 32.21
N ALA B 47 -36.89 10.39 32.89
CA ALA B 47 -38.20 10.15 32.34
C ALA B 47 -39.24 10.63 33.34
N PRO B 48 -40.41 11.06 32.87
CA PRO B 48 -41.47 11.47 33.82
C PRO B 48 -41.86 10.38 34.79
N GLY B 49 -41.82 9.11 34.36
CA GLY B 49 -41.99 8.01 35.28
C GLY B 49 -40.75 7.80 36.15
N SER B 50 -41.00 7.29 37.35
CA SER B 50 -39.95 7.19 38.37
C SER B 50 -38.96 6.06 38.15
N PRO B 51 -39.39 4.80 38.11
CA PRO B 51 -38.45 3.69 38.43
C PRO B 51 -37.25 3.57 37.51
N ASP B 52 -37.39 3.82 36.21
CA ASP B 52 -36.35 3.47 35.26
C ASP B 52 -35.64 4.71 34.70
N SER B 53 -34.36 4.53 34.40
CA SER B 53 -33.53 5.54 33.76
C SER B 53 -32.23 4.89 33.33
N LYS B 54 -31.50 5.58 32.47
CA LYS B 54 -30.22 5.09 31.96
C LYS B 54 -29.15 6.19 32.08
N CYS B 55 -27.95 5.88 31.59
CA CYS B 55 -26.82 6.80 31.64
C CYS B 55 -25.99 6.62 30.37
N LEU B 56 -24.96 7.46 30.24
CA LEU B 56 -24.04 7.41 29.11
C LEU B 56 -22.69 7.93 29.59
N LYS B 57 -21.65 7.09 29.45
CA LYS B 57 -20.33 7.39 29.96
C LYS B 57 -19.40 7.73 28.80
N ILE B 58 -18.76 8.90 28.87
CA ILE B 58 -17.81 9.35 27.87
C ILE B 58 -16.43 9.37 28.52
N LYS B 59 -15.54 8.51 28.05
CA LYS B 59 -14.21 8.35 28.62
C LYS B 59 -13.18 9.02 27.73
N VAL B 60 -12.34 9.86 28.32
CA VAL B 60 -11.20 10.41 27.62
C VAL B 60 -9.97 9.61 27.99
N LYS B 61 -9.00 9.54 27.09
CA LYS B 61 -7.78 8.84 27.42
C LYS B 61 -6.52 9.67 27.24
N ARG B 62 -6.43 10.46 26.18
CA ARG B 62 -5.18 11.10 25.83
C ARG B 62 -5.43 12.51 25.32
N ILE B 63 -4.39 13.34 25.41
CA ILE B 63 -4.36 14.65 24.77
C ILE B 63 -3.11 14.70 23.89
N ASN B 64 -3.29 15.13 22.64
CA ASN B 64 -2.19 15.13 21.69
C ASN B 64 -2.52 16.10 20.55
N LEU B 65 -1.65 16.15 19.55
CA LEU B 65 -1.72 17.12 18.46
C LEU B 65 -1.55 16.40 17.13
N LYS B 66 -2.66 15.98 16.53
CA LYS B 66 -2.66 15.37 15.20
C LYS B 66 -3.44 16.27 14.26
N CYS B 67 -3.33 16.00 12.96
CA CYS B 67 -4.03 16.79 11.97
C CYS B 67 -4.71 15.85 10.97
N LYS B 68 -5.75 16.36 10.32
CA LYS B 68 -6.65 15.53 9.53
C LYS B 68 -6.20 15.41 8.09
N LYS B 69 -6.36 14.21 7.53
CA LYS B 69 -5.90 13.92 6.18
C LYS B 69 -6.82 14.62 5.18
N SER B 70 -6.45 15.83 4.75
CA SER B 70 -7.24 16.55 3.75
C SER B 70 -7.19 15.85 2.41
N SER B 71 -6.10 15.17 2.08
CA SER B 71 -5.96 14.42 0.85
C SER B 71 -5.29 13.09 1.17
N SER B 72 -4.93 12.35 0.13
CA SER B 72 -4.21 11.10 0.30
C SER B 72 -3.65 10.70 -1.06
N TYR B 73 -2.38 10.32 -1.06
CA TYR B 73 -1.70 9.98 -2.30
C TYR B 73 -0.67 8.90 -2.00
N PHE B 74 -0.39 8.06 -3.00
CA PHE B 74 0.59 6.99 -2.87
C PHE B 74 1.79 7.33 -3.73
N VAL B 75 2.96 6.83 -3.34
CA VAL B 75 4.18 7.09 -4.10
C VAL B 75 4.92 5.77 -4.32
N PRO B 76 5.04 5.30 -5.55
CA PRO B 76 5.90 4.13 -5.80
C PRO B 76 7.35 4.53 -5.94
N ASP B 77 8.23 3.56 -6.15
CA ASP B 77 9.65 3.83 -6.33
C ASP B 77 9.96 3.73 -7.82
N ALA B 78 10.17 4.88 -8.46
CA ALA B 78 10.33 4.93 -9.90
C ALA B 78 11.71 4.45 -10.30
N ARG B 79 11.77 3.73 -11.41
CA ARG B 79 13.02 3.37 -12.06
C ARG B 79 12.87 3.63 -13.56
N SER B 80 13.99 3.90 -14.22
CA SER B 80 13.99 4.29 -15.62
C SER B 80 14.64 3.22 -16.46
N ARG B 81 13.82 2.52 -17.26
CA ARG B 81 14.30 1.58 -18.25
C ARG B 81 13.89 2.09 -19.63
N CYS B 82 14.68 1.76 -20.65
CA CYS B 82 14.41 2.24 -21.99
C CYS B 82 14.90 1.24 -23.03
N THR B 83 14.08 1.00 -24.05
CA THR B 83 14.41 0.11 -25.16
C THR B 83 14.73 0.92 -26.41
N SER B 84 15.11 0.21 -27.46
CA SER B 84 15.43 0.85 -28.73
C SER B 84 15.37 -0.17 -29.84
N VAL B 85 14.43 0.02 -30.77
CA VAL B 85 14.40 -0.74 -32.02
C VAL B 85 14.96 0.15 -33.11
N ARG B 86 15.97 -0.36 -33.82
CA ARG B 86 16.75 0.45 -34.74
C ARG B 86 16.56 -0.09 -36.15
N ARG B 87 15.53 0.40 -36.82
CA ARG B 87 15.36 0.19 -38.24
C ARG B 87 16.40 1.02 -38.98
N CYS B 88 16.59 0.74 -40.26
CA CYS B 88 17.26 1.74 -41.07
C CYS B 88 16.42 2.03 -42.31
N ARG B 89 16.80 3.09 -43.02
CA ARG B 89 15.94 3.70 -44.02
C ARG B 89 15.80 2.78 -45.22
N TRP B 90 14.60 2.78 -45.81
CA TRP B 90 14.13 1.92 -46.91
C TRP B 90 13.89 0.50 -46.38
N ALA B 91 14.31 0.20 -45.15
CA ALA B 91 14.07 -1.10 -44.52
C ALA B 91 13.04 -0.99 -43.41
N GLY B 92 13.02 0.13 -42.70
CA GLY B 92 11.86 0.56 -41.96
C GLY B 92 10.98 1.48 -42.76
N ASP B 93 11.49 2.02 -43.87
CA ASP B 93 10.74 2.89 -44.77
C ASP B 93 10.14 4.08 -44.04
N CYS B 94 10.71 4.41 -42.88
CA CYS B 94 10.16 5.48 -42.07
C CYS B 94 10.37 6.82 -42.76
N GLN B 95 9.44 7.75 -42.51
CA GLN B 95 9.30 8.95 -43.33
C GLN B 95 10.57 9.79 -43.29
N SER B 96 10.88 10.41 -44.44
CA SER B 96 12.03 11.31 -44.51
C SER B 96 11.94 12.40 -43.45
N GLY B 97 10.77 13.02 -43.32
CA GLY B 97 10.47 13.88 -42.21
C GLY B 97 9.75 13.08 -41.14
N CYS B 98 10.39 12.93 -40.00
CA CYS B 98 9.81 12.15 -38.91
C CYS B 98 8.41 12.66 -38.58
N PRO B 99 7.43 11.76 -38.48
CA PRO B 99 6.05 12.19 -38.21
C PRO B 99 5.96 12.90 -36.87
N PRO B 100 5.61 14.19 -36.88
CA PRO B 100 5.57 14.97 -35.63
C PRO B 100 4.53 14.46 -34.64
N HIS B 101 3.58 13.65 -35.12
CA HIS B 101 2.58 13.03 -34.25
C HIS B 101 3.13 11.68 -33.80
N PHE B 102 2.98 11.38 -32.53
CA PHE B 102 3.46 10.14 -31.96
C PHE B 102 2.38 9.48 -31.12
N THR B 103 2.15 8.19 -31.37
CA THR B 103 1.17 7.42 -30.62
C THR B 103 1.85 6.83 -29.40
N SER B 104 1.54 7.36 -28.22
CA SER B 104 2.30 7.10 -27.01
C SER B 104 1.85 5.86 -26.25
N ASN B 105 0.84 5.14 -26.76
CA ASN B 105 0.34 3.99 -26.01
C ASN B 105 0.43 2.68 -26.80
N SER B 106 0.28 2.73 -28.14
CA SER B 106 0.22 1.49 -28.89
C SER B 106 1.61 1.02 -29.31
N PHE B 107 2.34 1.83 -30.08
CA PHE B 107 3.62 1.45 -30.68
C PHE B 107 3.47 0.26 -31.62
N SER B 108 2.79 0.51 -32.74
CA SER B 108 2.59 -0.52 -33.75
C SER B 108 3.91 -1.01 -34.32
N ASP B 109 5.00 -0.27 -34.12
CA ASP B 109 6.29 -0.69 -34.63
C ASP B 109 6.71 -2.02 -34.05
N ASP B 110 6.58 -2.19 -32.73
CA ASP B 110 6.94 -3.44 -32.07
C ASP B 110 5.68 -4.06 -31.46
N TRP B 111 5.08 -4.99 -32.21
CA TRP B 111 3.89 -5.73 -31.75
C TRP B 111 2.73 -4.79 -31.44
N ALA B 112 2.18 -4.17 -32.48
CA ALA B 112 0.85 -3.52 -32.49
C ALA B 112 0.65 -2.71 -31.21
N GLY B 113 -0.47 -2.86 -30.51
CA GLY B 113 -0.68 -2.15 -29.26
C GLY B 113 -1.16 -3.05 -28.14
N LYS B 114 -0.47 -3.01 -27.00
CA LYS B 114 -0.83 -3.82 -25.85
C LYS B 114 -0.64 -3.02 -24.57
N MET B 115 -0.80 -3.72 -23.44
CA MET B 115 -0.48 -3.12 -22.15
C MET B 115 0.97 -2.68 -22.14
N ASP B 116 1.20 -1.44 -21.72
CA ASP B 116 2.54 -0.88 -21.61
C ASP B 116 2.95 -0.81 -20.16
N ARG B 117 4.09 -1.42 -19.85
CA ARG B 117 4.58 -1.48 -18.48
C ARG B 117 5.13 -0.14 -18.03
N ALA B 118 5.05 0.87 -18.89
CA ALA B 118 5.36 2.24 -18.51
C ALA B 118 4.08 3.04 -18.34
N GLY B 119 4.15 4.08 -17.52
CA GLY B 119 3.07 5.05 -17.41
C GLY B 119 3.30 6.21 -18.36
N LEU B 120 2.70 6.09 -19.54
CA LEU B 120 2.73 7.13 -20.57
C LEU B 120 4.14 7.63 -20.85
N GLY B 121 5.04 6.71 -21.17
CA GLY B 121 6.34 7.11 -21.68
C GLY B 121 6.21 7.69 -23.07
N PHE B 122 7.24 8.42 -23.50
CA PHE B 122 7.17 9.19 -24.73
C PHE B 122 7.64 8.38 -25.93
N SER B 123 7.79 9.09 -27.06
CA SER B 123 8.14 8.50 -28.34
C SER B 123 9.07 9.45 -29.05
N GLY B 124 9.76 8.99 -30.08
CA GLY B 124 10.50 9.88 -30.95
C GLY B 124 11.34 9.16 -31.98
N CYS B 125 11.69 9.90 -33.03
CA CYS B 125 12.77 9.51 -33.93
C CYS B 125 14.09 10.02 -33.38
N SER B 126 15.13 9.96 -34.23
CA SER B 126 16.46 10.37 -33.81
C SER B 126 17.28 10.74 -35.05
N ASP B 127 18.57 10.96 -34.83
CA ASP B 127 19.49 11.12 -35.94
C ASP B 127 19.77 9.75 -36.56
N GLY B 128 20.39 9.74 -37.73
CA GLY B 128 20.49 8.55 -38.55
C GLY B 128 21.93 8.17 -38.89
N CYS B 129 22.28 6.94 -38.57
CA CYS B 129 23.47 6.33 -39.14
C CYS B 129 23.13 5.69 -40.48
N GLY B 130 24.00 5.93 -41.46
CA GLY B 130 23.83 5.36 -42.78
C GLY B 130 25.15 5.21 -43.51
N GLY B 131 25.35 4.03 -44.07
CA GLY B 131 26.58 3.73 -44.76
C GLY B 131 27.04 2.31 -44.47
N ALA B 132 28.28 2.02 -44.89
CA ALA B 132 28.82 0.68 -44.75
C ALA B 132 29.03 0.31 -43.29
N ALA B 133 29.27 1.30 -42.44
CA ALA B 133 29.51 1.01 -41.02
C ALA B 133 28.27 0.39 -40.38
N CYS B 134 27.10 0.99 -40.59
CA CYS B 134 25.88 0.40 -40.07
C CYS B 134 25.35 -0.68 -41.01
N GLY B 135 25.84 -0.71 -42.26
CA GLY B 135 25.81 -1.89 -43.09
C GLY B 135 24.61 -2.10 -43.99
N CYS B 136 23.56 -1.28 -43.90
CA CYS B 136 22.40 -1.54 -44.74
C CYS B 136 22.39 -0.65 -45.98
N PHE B 137 23.57 -0.17 -46.38
CA PHE B 137 23.97 0.29 -47.71
C PHE B 137 23.20 1.48 -48.28
N ASN B 138 22.30 2.11 -47.54
CA ASN B 138 21.61 3.29 -48.05
C ASN B 138 22.35 4.53 -47.57
N ALA B 139 22.38 5.57 -48.40
CA ALA B 139 23.12 6.78 -48.06
C ALA B 139 22.38 7.59 -47.01
N ALA B 140 21.07 7.73 -47.16
CA ALA B 140 20.31 8.67 -46.33
C ALA B 140 20.15 8.10 -44.92
N PRO B 141 19.97 8.96 -43.91
CA PRO B 141 20.02 8.49 -42.53
C PRO B 141 18.78 7.69 -42.11
N SER B 142 18.84 7.16 -40.89
CA SER B 142 17.87 6.21 -40.37
C SER B 142 17.27 6.70 -39.05
N CYS B 143 15.95 6.67 -38.95
CA CYS B 143 15.23 7.04 -37.74
C CYS B 143 15.29 5.91 -36.74
N ILE B 144 15.34 6.26 -35.44
CA ILE B 144 15.31 5.26 -34.38
C ILE B 144 14.18 5.58 -33.39
N PHE B 145 13.47 4.54 -32.96
CA PHE B 145 12.33 4.67 -32.06
C PHE B 145 12.71 4.21 -30.67
N TRP B 146 12.30 4.97 -29.65
CA TRP B 146 12.74 4.74 -28.28
C TRP B 146 11.55 4.81 -27.31
N ARG B 147 11.64 4.04 -26.23
CA ARG B 147 10.68 4.03 -25.14
C ARG B 147 11.34 4.45 -23.84
N LYS B 148 10.53 4.86 -22.88
CA LYS B 148 10.96 5.04 -21.50
C LYS B 148 9.94 4.43 -20.56
N TRP B 149 10.41 3.62 -19.62
CA TRP B 149 9.56 3.08 -18.58
C TRP B 149 9.81 3.76 -17.25
N VAL B 150 8.72 4.08 -16.56
CA VAL B 150 8.72 4.34 -15.14
C VAL B 150 8.18 3.10 -14.45
N GLU B 151 9.06 2.41 -13.72
CA GLU B 151 8.81 1.04 -13.31
C GLU B 151 9.09 0.89 -11.83
N ASN B 152 8.67 -0.24 -11.27
CA ASN B 152 8.79 -0.51 -9.84
C ASN B 152 8.90 -2.00 -9.59
N PRO B 153 10.12 -2.55 -9.54
CA PRO B 153 10.26 -4.00 -9.35
C PRO B 153 9.75 -4.50 -8.01
N HIS B 154 10.33 -4.00 -6.92
CA HIS B 154 9.87 -4.34 -5.57
C HIS B 154 9.70 -3.02 -4.82
N GLY B 155 8.49 -2.46 -4.88
CA GLY B 155 8.22 -1.15 -4.34
C GLY B 155 8.19 -1.14 -2.83
N ILE B 156 8.31 0.07 -2.29
CA ILE B 156 8.04 0.36 -0.90
C ILE B 156 7.20 1.64 -0.91
N ILE B 157 5.95 1.52 -0.51
CA ILE B 157 4.94 2.51 -0.86
C ILE B 157 4.67 3.43 0.33
N TRP B 158 4.50 4.71 0.05
CA TRP B 158 4.21 5.70 1.07
C TRP B 158 2.91 6.44 0.78
N LYS B 159 2.05 6.58 1.78
CA LYS B 159 0.82 7.35 1.68
C LYS B 159 0.98 8.61 2.50
N VAL B 160 0.56 9.75 1.93
CA VAL B 160 0.91 11.07 2.43
C VAL B 160 -0.32 11.97 2.35
N SER B 161 -0.40 12.93 3.28
CA SER B 161 -1.50 13.89 3.30
C SER B 161 -1.01 15.24 3.82
N PRO B 162 -1.30 16.33 3.12
CA PRO B 162 -0.84 17.68 3.51
C PRO B 162 -1.84 18.46 4.36
N CYS B 163 -1.97 18.11 5.64
CA CYS B 163 -2.83 18.88 6.51
C CYS B 163 -2.29 20.30 6.71
N ALA B 164 -0.99 20.43 6.90
CA ALA B 164 -0.33 21.73 7.09
C ALA B 164 -0.95 22.52 8.23
N ALA B 165 -1.30 21.84 9.32
CA ALA B 165 -1.89 22.49 10.48
C ALA B 165 -1.70 21.58 11.69
N TRP B 166 -1.98 22.12 12.88
CA TRP B 166 -1.92 21.38 14.12
C TRP B 166 -2.92 21.95 15.10
N VAL B 167 -3.87 21.13 15.52
CA VAL B 167 -4.90 21.56 16.48
C VAL B 167 -5.09 20.45 17.50
N PRO B 168 -5.32 20.76 18.77
CA PRO B 168 -5.47 19.70 19.78
C PRO B 168 -6.64 18.78 19.49
N SER B 169 -6.46 17.52 19.87
CA SER B 169 -7.50 16.51 19.79
C SER B 169 -7.19 15.46 20.86
N ALA B 170 -8.12 14.51 21.03
CA ALA B 170 -8.04 13.61 22.17
C ALA B 170 -8.46 12.21 21.73
N VAL B 171 -8.60 11.31 22.71
CA VAL B 171 -9.06 9.94 22.49
C VAL B 171 -10.33 9.75 23.29
N ILE B 172 -11.37 9.21 22.65
CA ILE B 172 -12.68 9.10 23.25
C ILE B 172 -13.17 7.66 23.09
N GLU B 173 -13.68 7.10 24.19
CA GLU B 173 -14.48 5.89 24.15
C GLU B 173 -15.88 6.22 24.64
N LEU B 174 -16.87 5.55 24.06
CA LEU B 174 -18.26 5.92 24.23
C LEU B 174 -19.05 4.72 24.74
N THR B 175 -20.10 5.01 25.51
CA THR B 175 -20.93 3.97 26.12
C THR B 175 -22.40 4.25 25.79
N MET B 176 -22.93 3.57 24.78
CA MET B 176 -24.35 3.65 24.51
C MET B 176 -25.16 3.14 25.69
N PRO B 177 -26.32 3.73 25.98
CA PRO B 177 -27.15 3.22 27.08
C PRO B 177 -27.54 1.76 26.92
N SER B 178 -27.68 1.28 25.69
CA SER B 178 -27.93 -0.14 25.48
C SER B 178 -26.78 -0.99 26.02
N GLY B 179 -25.55 -0.56 25.80
CA GLY B 179 -24.39 -1.31 26.25
C GLY B 179 -23.31 -1.43 25.20
N GLU B 180 -23.51 -0.75 24.07
CA GLU B 180 -22.52 -0.75 23.00
C GLU B 180 -21.32 0.11 23.37
N VAL B 181 -20.17 -0.26 22.83
CA VAL B 181 -18.92 0.49 23.01
C VAL B 181 -18.25 0.59 21.66
N ARG B 182 -18.21 1.80 21.10
CA ARG B 182 -17.63 2.06 19.79
C ARG B 182 -16.57 3.13 19.94
N THR B 183 -15.40 2.88 19.36
CA THR B 183 -14.30 3.83 19.47
C THR B 183 -14.22 4.71 18.23
N PHE B 184 -13.57 5.86 18.39
CA PHE B 184 -13.32 6.81 17.33
C PHE B 184 -12.45 7.93 17.88
N HIS B 185 -11.90 8.75 16.98
CA HIS B 185 -10.99 9.82 17.36
C HIS B 185 -11.59 11.15 16.89
N PRO B 186 -12.18 11.94 17.78
CA PRO B 186 -12.74 13.22 17.34
C PRO B 186 -11.70 14.32 17.29
N MET B 187 -11.75 15.13 16.24
CA MET B 187 -10.84 16.25 16.06
C MET B 187 -11.45 17.48 16.73
N SER B 188 -11.67 17.35 18.05
CA SER B 188 -12.53 18.25 18.81
C SER B 188 -11.96 19.67 18.94
N GLY B 189 -10.80 19.94 18.36
CA GLY B 189 -10.35 21.32 18.28
C GLY B 189 -11.04 22.01 17.12
N ILE B 190 -11.37 21.23 16.10
CA ILE B 190 -12.12 21.71 14.94
C ILE B 190 -13.55 21.24 15.08
N PRO B 191 -14.55 22.05 14.74
CA PRO B 191 -15.94 21.59 14.90
C PRO B 191 -16.30 20.50 13.90
N THR B 192 -15.53 19.42 13.91
CA THR B 192 -15.82 18.25 13.10
C THR B 192 -16.98 17.47 13.72
N GLN B 193 -17.69 16.74 12.87
CA GLN B 193 -18.87 15.99 13.29
C GLN B 193 -18.71 14.54 12.84
N VAL B 194 -18.28 13.69 13.76
CA VAL B 194 -18.13 12.27 13.47
C VAL B 194 -19.47 11.58 13.66
N PHE B 195 -19.81 10.69 12.73
CA PHE B 195 -21.13 10.06 12.69
C PHE B 195 -21.02 8.62 13.17
N LYS B 196 -21.92 8.22 14.07
CA LYS B 196 -21.99 6.85 14.54
C LYS B 196 -23.30 6.66 15.29
N GLY B 197 -24.02 5.59 14.97
CA GLY B 197 -25.22 5.25 15.69
C GLY B 197 -26.24 6.37 15.66
N VAL B 198 -26.40 7.04 16.81
CA VAL B 198 -27.34 8.14 16.92
C VAL B 198 -26.69 9.43 17.37
N SER B 199 -25.58 9.38 18.09
CA SER B 199 -24.97 10.57 18.68
C SER B 199 -23.77 11.03 17.86
N VAL B 200 -23.39 12.28 18.10
CA VAL B 200 -22.24 12.91 17.44
C VAL B 200 -21.60 13.85 18.45
N THR B 201 -20.28 13.76 18.59
CA THR B 201 -19.54 14.64 19.47
C THR B 201 -18.81 15.71 18.66
N TYR B 202 -18.55 16.84 19.31
CA TYR B 202 -17.98 17.98 18.58
C TYR B 202 -17.10 18.79 19.55
N LEU B 203 -16.84 20.04 19.16
CA LEU B 203 -15.70 20.85 19.60
C LEU B 203 -15.44 20.92 21.09
N GLY B 204 -14.21 21.27 21.45
CA GLY B 204 -13.85 21.57 22.82
C GLY B 204 -13.05 22.86 22.88
N SER B 205 -12.53 23.13 24.07
CA SER B 205 -11.76 24.35 24.29
C SER B 205 -10.30 24.16 23.92
N ASP B 206 -9.77 25.06 23.08
CA ASP B 206 -8.36 25.04 22.70
C ASP B 206 -7.56 25.85 23.73
N MET B 207 -7.35 25.25 24.89
CA MET B 207 -6.81 25.98 26.03
C MET B 207 -5.32 26.30 25.84
N GLU B 208 -4.65 25.61 24.90
CA GLU B 208 -3.33 25.98 24.40
C GLU B 208 -3.21 25.60 22.93
N VAL B 209 -2.56 26.47 22.16
CA VAL B 209 -2.26 26.22 20.76
C VAL B 209 -0.81 26.58 20.49
N SER B 210 -0.24 26.00 19.44
CA SER B 210 1.13 26.27 19.03
C SER B 210 1.21 26.33 17.51
N GLY B 211 2.29 26.92 17.02
CA GLY B 211 2.51 26.99 15.59
C GLY B 211 3.67 26.12 15.13
N LEU B 212 3.66 25.72 13.86
CA LEU B 212 4.74 24.90 13.32
C LEU B 212 4.78 25.09 11.80
N THR B 213 5.93 24.79 11.22
CA THR B 213 6.18 25.05 9.82
C THR B 213 5.41 24.06 8.94
N ASP B 214 5.65 24.16 7.62
CA ASP B 214 4.98 23.33 6.64
C ASP B 214 5.59 21.93 6.67
N LEU B 215 5.02 21.06 7.49
CA LEU B 215 5.44 19.67 7.58
C LEU B 215 4.20 18.79 7.60
N CYS B 216 4.36 17.57 7.08
CA CYS B 216 3.32 16.57 7.16
C CYS B 216 3.89 15.17 6.95
N GLU B 217 3.06 14.17 7.24
CA GLU B 217 3.48 12.84 7.64
C GLU B 217 3.77 11.93 6.45
N ILE B 218 4.76 11.05 6.61
CA ILE B 218 5.09 10.03 5.63
C ILE B 218 5.04 8.66 6.30
N GLU B 219 4.27 7.73 5.73
CA GLU B 219 4.11 6.41 6.32
C GLU B 219 4.31 5.34 5.26
N GLU B 220 4.84 4.19 5.68
CA GLU B 220 5.23 3.13 4.77
C GLU B 220 4.28 1.95 4.91
N LEU B 221 3.99 1.27 3.80
CA LEU B 221 2.96 0.22 3.82
C LEU B 221 3.44 -1.05 4.50
N LYS B 222 4.66 -1.50 4.24
CA LYS B 222 5.24 -2.56 5.06
C LYS B 222 5.46 -2.10 6.49
N SER B 223 5.38 -0.78 6.73
CA SER B 223 5.59 -0.20 8.05
C SER B 223 7.02 -0.41 8.50
N LYS B 224 7.97 0.10 7.72
CA LYS B 224 9.35 0.20 8.17
C LYS B 224 9.38 0.99 9.47
N LYS B 225 9.09 2.28 9.38
CA LYS B 225 8.85 3.23 10.47
C LYS B 225 8.02 4.38 9.93
N LEU B 226 7.90 5.45 10.71
CA LEU B 226 7.14 6.63 10.34
C LEU B 226 8.09 7.81 10.19
N ALA B 227 7.86 8.60 9.14
CA ALA B 227 8.81 9.64 8.77
C ALA B 227 8.08 10.96 8.59
N LEU B 228 8.83 12.04 8.77
CA LEU B 228 8.32 13.40 8.65
C LEU B 228 9.21 14.16 7.66
N ALA B 229 8.62 15.10 6.95
CA ALA B 229 9.32 15.85 5.91
C ALA B 229 8.57 17.16 5.69
N PRO B 230 9.16 18.09 4.92
CA PRO B 230 8.37 19.25 4.49
C PRO B 230 7.09 18.85 3.78
N CYS B 231 7.16 17.81 2.97
CA CYS B 231 5.98 17.03 2.60
C CYS B 231 5.03 17.85 1.73
N ASN B 232 5.59 18.54 0.75
CA ASN B 232 4.76 19.32 -0.17
C ASN B 232 3.85 18.40 -0.96
N GLN B 233 2.62 18.85 -1.20
CA GLN B 233 1.65 18.08 -1.95
C GLN B 233 0.57 18.97 -2.55
N ALA B 234 0.16 18.63 -3.77
CA ALA B 234 -0.92 19.31 -4.47
C ALA B 234 -1.47 18.35 -5.51
N GLY B 235 -2.28 18.87 -6.42
CA GLY B 235 -2.83 18.04 -7.48
C GLY B 235 -1.77 17.60 -8.47
N MET B 236 -0.66 18.32 -8.54
CA MET B 236 0.40 18.06 -9.49
C MET B 236 1.75 18.01 -8.78
N GLY B 237 2.75 17.42 -9.43
CA GLY B 237 4.09 17.37 -8.88
C GLY B 237 4.93 18.58 -9.23
N VAL B 238 5.06 19.51 -8.28
CA VAL B 238 5.85 20.72 -8.52
C VAL B 238 7.34 20.38 -8.47
N VAL B 239 8.16 21.26 -9.04
CA VAL B 239 9.58 21.00 -9.16
C VAL B 239 10.22 20.94 -7.77
N GLY B 240 11.12 19.98 -7.57
CA GLY B 240 11.92 19.90 -6.37
C GLY B 240 11.20 19.43 -5.13
N LYS B 241 10.00 18.88 -5.26
CA LYS B 241 9.23 18.46 -4.09
C LYS B 241 9.54 17.00 -3.75
N VAL B 242 9.00 16.57 -2.61
CA VAL B 242 9.22 15.20 -2.16
C VAL B 242 8.47 14.21 -3.04
N GLY B 243 7.23 14.52 -3.41
CA GLY B 243 6.38 13.61 -4.12
C GLY B 243 6.20 13.97 -5.58
N GLU B 244 6.79 13.16 -6.45
CA GLU B 244 6.63 13.35 -7.89
C GLU B 244 5.49 12.52 -8.47
N ILE B 245 5.50 11.22 -8.25
CA ILE B 245 4.44 10.33 -8.73
C ILE B 245 3.41 10.21 -7.62
N GLN B 246 2.17 10.62 -7.91
CA GLN B 246 1.14 10.76 -6.90
C GLN B 246 -0.03 9.90 -7.32
N CYS B 247 -0.20 8.73 -6.69
CA CYS B 247 -0.97 7.71 -7.36
C CYS B 247 -2.02 7.12 -6.42
N SER B 248 -3.24 6.95 -6.93
CA SER B 248 -4.43 6.89 -6.07
C SER B 248 -5.13 5.54 -6.05
N SER B 249 -4.39 4.44 -5.92
CA SER B 249 -4.98 3.13 -5.67
C SER B 249 -3.91 2.19 -5.11
N GLU B 250 -4.11 1.77 -3.86
CA GLU B 250 -3.14 0.88 -3.23
C GLU B 250 -3.05 -0.44 -3.98
N GLU B 251 -4.18 -1.03 -4.35
CA GLU B 251 -4.15 -2.28 -5.10
C GLU B 251 -3.50 -2.12 -6.46
N SER B 252 -3.42 -0.89 -6.98
CA SER B 252 -2.71 -0.59 -8.20
C SER B 252 -1.44 0.22 -7.94
N ALA B 253 -1.00 0.25 -6.68
CA ALA B 253 0.20 0.99 -6.30
C ALA B 253 1.48 0.17 -6.42
N ARG B 254 1.37 -1.14 -6.67
CA ARG B 254 2.58 -1.94 -6.92
C ARG B 254 3.14 -1.63 -8.31
N THR B 255 2.35 -1.86 -9.34
CA THR B 255 2.73 -1.49 -10.70
C THR B 255 2.24 -0.08 -11.01
N ILE B 256 2.44 0.33 -12.26
CA ILE B 256 1.92 1.61 -12.72
C ILE B 256 0.92 1.35 -13.84
N LYS B 257 -0.35 1.21 -13.49
CA LYS B 257 -1.39 0.85 -14.45
C LYS B 257 -2.64 1.70 -14.35
N LYS B 258 -2.95 2.27 -13.18
CA LYS B 258 -4.12 3.14 -13.06
C LYS B 258 -3.83 4.51 -13.65
N ASP B 259 -4.86 5.11 -14.26
CA ASP B 259 -4.66 6.39 -14.92
C ASP B 259 -4.53 7.53 -13.93
N GLY B 260 -5.07 7.35 -12.72
CA GLY B 260 -5.20 8.47 -11.79
C GLY B 260 -3.85 9.12 -11.50
N CYS B 261 -2.79 8.32 -11.49
CA CYS B 261 -1.48 8.85 -11.16
C CYS B 261 -0.72 9.41 -12.36
N ILE B 262 0.01 10.49 -12.08
CA ILE B 262 0.32 11.54 -13.03
C ILE B 262 1.82 11.72 -13.10
N TRP B 263 2.34 11.82 -14.32
CA TRP B 263 3.77 11.81 -14.56
C TRP B 263 4.35 13.22 -14.51
N ASN B 264 5.63 13.33 -14.82
CA ASN B 264 6.33 14.60 -14.99
C ASN B 264 6.84 14.68 -16.42
N ALA B 265 6.66 15.85 -17.04
CA ALA B 265 7.21 16.08 -18.36
C ALA B 265 8.72 15.92 -18.33
N ASP B 266 9.25 15.21 -19.33
CA ASP B 266 10.68 14.99 -19.53
C ASP B 266 11.43 14.67 -18.23
N LEU B 267 10.80 13.87 -17.37
CA LEU B 267 11.46 13.49 -16.12
C LEU B 267 12.53 12.42 -16.34
N VAL B 268 12.28 11.46 -17.22
CA VAL B 268 13.18 10.32 -17.40
C VAL B 268 14.30 10.67 -18.38
N GLY B 269 15.51 10.21 -18.05
CA GLY B 269 16.72 10.52 -18.77
C GLY B 269 17.04 9.65 -19.98
N ILE B 270 16.40 9.92 -21.10
CA ILE B 270 16.74 9.24 -22.35
C ILE B 270 17.80 10.07 -23.07
N GLU B 271 18.87 9.40 -23.49
CA GLU B 271 19.91 10.00 -24.30
C GLU B 271 20.29 9.05 -25.42
N LEU B 272 20.67 9.63 -26.56
CA LEU B 272 20.89 8.87 -27.78
C LEU B 272 22.38 8.63 -28.00
N ARG B 273 22.66 7.84 -29.02
CA ARG B 273 24.03 7.55 -29.44
C ARG B 273 24.00 7.35 -30.95
N VAL B 274 25.08 6.79 -31.50
CA VAL B 274 25.12 6.49 -32.92
C VAL B 274 24.37 5.21 -33.27
N ASP B 275 24.16 4.31 -32.31
CA ASP B 275 23.39 3.09 -32.54
C ASP B 275 22.06 3.07 -31.81
N ASP B 276 22.08 3.26 -30.48
CA ASP B 276 20.89 3.04 -29.68
C ASP B 276 20.97 3.86 -28.40
N ALA B 277 19.82 4.06 -27.77
CA ALA B 277 19.67 4.96 -26.63
C ALA B 277 19.87 4.23 -25.31
N VAL B 278 20.31 4.97 -24.30
CA VAL B 278 20.61 4.41 -23.00
C VAL B 278 19.76 5.15 -21.96
N CYS B 279 19.63 4.58 -20.76
CA CYS B 279 18.68 5.04 -19.76
C CYS B 279 19.42 5.84 -18.70
N TYR B 280 18.84 6.96 -18.26
CA TYR B 280 19.24 7.54 -16.98
C TYR B 280 18.02 8.18 -16.33
N SER B 281 18.20 8.82 -15.18
CA SER B 281 17.08 9.39 -14.45
C SER B 281 17.57 10.55 -13.60
N LYS B 282 16.62 11.38 -13.16
CA LYS B 282 16.92 12.57 -12.36
C LYS B 282 15.98 12.62 -11.15
N ILE B 283 15.22 11.54 -10.95
CA ILE B 283 14.32 11.48 -9.80
C ILE B 283 15.13 11.41 -8.53
N THR B 284 14.49 11.77 -7.41
CA THR B 284 15.14 11.77 -6.10
C THR B 284 14.34 10.89 -5.17
N SER B 285 15.04 10.14 -4.31
CA SER B 285 14.40 9.32 -3.29
C SER B 285 13.77 10.21 -2.23
N VAL B 286 12.82 9.69 -1.47
CA VAL B 286 12.15 10.47 -0.44
C VAL B 286 13.14 10.86 0.65
N GLU B 287 14.12 10.01 0.93
CA GLU B 287 15.03 10.24 2.04
C GLU B 287 16.21 11.10 1.60
N ALA B 288 16.69 11.94 2.53
CA ALA B 288 17.95 12.68 2.38
C ALA B 288 17.93 13.65 1.22
N VAL B 289 16.75 14.02 0.73
CA VAL B 289 16.62 15.07 -0.28
C VAL B 289 16.13 16.36 0.33
N ALA B 290 15.05 16.29 1.11
CA ALA B 290 14.64 17.39 1.98
C ALA B 290 14.02 16.76 3.20
N ASN B 291 14.83 16.52 4.23
CA ASN B 291 14.35 15.85 5.44
C ASN B 291 14.75 16.70 6.62
N TYR B 292 13.77 17.07 7.46
CA TYR B 292 14.03 17.97 8.57
C TYR B 292 13.83 17.33 9.94
N SER B 293 13.48 16.05 10.01
CA SER B 293 13.32 15.37 11.29
C SER B 293 13.24 13.87 11.03
N ALA B 294 13.30 13.09 12.11
CA ALA B 294 13.09 11.66 12.05
C ALA B 294 12.47 11.23 13.37
N ILE B 295 11.31 10.59 13.31
CA ILE B 295 10.53 10.27 14.50
C ILE B 295 11.23 9.20 15.33
N PRO B 296 11.43 9.44 16.64
CA PRO B 296 12.06 8.51 17.58
C PRO B 296 11.36 7.16 17.63
N ASP B 320 -13.88 21.64 26.33
CA ASP B 320 -15.33 21.65 26.49
C ASP B 320 -15.98 20.65 25.55
N ILE B 321 -15.65 19.37 25.75
CA ILE B 321 -16.16 18.30 24.90
C ILE B 321 -17.69 18.29 25.02
N THR B 322 -18.39 18.36 23.89
CA THR B 322 -19.83 18.41 23.86
C THR B 322 -20.36 17.58 22.70
N ALA B 323 -21.63 17.18 22.81
CA ALA B 323 -22.25 16.29 21.83
C ALA B 323 -23.62 16.79 21.45
N ILE B 324 -24.05 16.41 20.25
CA ILE B 324 -25.39 16.70 19.74
C ILE B 324 -26.17 15.39 19.70
N ARG B 325 -27.47 15.46 19.98
CA ARG B 325 -28.28 14.27 20.08
C ARG B 325 -29.17 14.09 18.86
N GLY B 326 -29.18 12.87 18.32
CA GLY B 326 -30.11 12.49 17.28
C GLY B 326 -31.35 11.83 17.86
N SER B 327 -32.09 11.14 16.99
CA SER B 327 -33.29 10.41 17.40
C SER B 327 -32.85 9.15 18.13
N PHE B 328 -32.80 9.23 19.46
CA PHE B 328 -32.33 8.11 20.28
C PHE B 328 -33.28 6.92 20.18
N SER B 329 -32.85 5.82 20.82
CA SER B 329 -33.64 4.62 20.98
C SER B 329 -33.84 4.31 22.46
N VAL B 330 -34.23 5.33 23.23
CA VAL B 330 -34.32 5.21 24.68
C VAL B 330 -35.23 4.05 25.06
N ASN B 331 -34.82 3.31 26.08
CA ASN B 331 -35.59 2.20 26.62
C ASN B 331 -35.98 2.54 28.07
N TYR B 332 -36.53 1.55 28.76
CA TYR B 332 -37.11 1.79 30.07
C TYR B 332 -37.01 0.57 30.97
N ALA B 344 -37.32 -2.14 41.98
CA ALA B 344 -38.24 -1.78 43.05
C ALA B 344 -37.49 -1.61 44.38
N THR B 345 -37.53 -2.64 45.21
CA THR B 345 -36.83 -2.58 46.50
C THR B 345 -35.32 -2.65 46.28
N CYS B 346 -34.59 -1.86 47.05
CA CYS B 346 -33.17 -1.64 46.83
C CYS B 346 -32.55 -0.97 48.05
N THR B 347 -31.38 -1.48 48.47
CA THR B 347 -30.72 -1.03 49.69
C THR B 347 -29.26 -0.68 49.41
N GLY B 348 -28.73 0.30 50.13
CA GLY B 348 -27.38 0.79 49.88
C GLY B 348 -26.22 0.10 50.59
N GLU B 349 -26.19 0.13 51.92
CA GLU B 349 -25.28 -0.68 52.72
C GLU B 349 -23.81 -0.43 52.36
N VAL B 350 -23.32 0.78 52.67
CA VAL B 350 -21.91 1.13 52.44
C VAL B 350 -21.00 0.25 53.30
N THR B 351 -19.70 0.25 52.98
CA THR B 351 -18.75 -0.55 53.74
C THR B 351 -17.49 0.18 54.21
N ASN B 352 -16.98 1.16 53.47
CA ASN B 352 -15.70 1.76 53.85
C ASN B 352 -15.50 3.10 53.16
N VAL B 353 -14.39 3.75 53.49
CA VAL B 353 -14.04 5.09 53.00
C VAL B 353 -12.53 5.14 52.76
N SER B 354 -12.11 5.84 51.72
CA SER B 354 -10.70 6.06 51.42
C SER B 354 -10.29 7.51 51.72
N GLY B 355 -9.03 7.83 51.38
CA GLY B 355 -8.49 9.15 51.68
C GLY B 355 -8.04 10.01 50.51
N CYS B 356 -8.86 11.02 50.20
CA CYS B 356 -8.50 12.12 49.30
C CYS B 356 -9.45 13.30 49.51
N TYR B 357 -8.87 14.46 49.78
CA TYR B 357 -9.52 15.74 49.55
C TYR B 357 -8.52 16.64 48.83
N SER B 358 -9.01 17.40 47.85
CA SER B 358 -8.18 18.33 47.08
C SER B 358 -7.05 17.64 46.34
N CYS B 359 -7.26 16.39 45.93
CA CYS B 359 -6.41 15.76 44.92
C CYS B 359 -7.23 15.51 43.65
N MET B 360 -6.58 15.73 42.50
CA MET B 360 -7.27 15.88 41.24
C MET B 360 -8.11 14.66 40.86
N THR B 361 -8.05 13.57 41.61
CA THR B 361 -8.85 12.39 41.31
C THR B 361 -9.97 12.15 42.31
N GLY B 362 -9.77 12.48 43.57
CA GLY B 362 -10.74 12.22 44.61
C GLY B 362 -10.59 10.85 45.23
N ALA B 363 -11.23 10.68 46.38
CA ALA B 363 -11.16 9.43 47.15
C ALA B 363 -12.23 8.46 46.67
N LYS B 364 -11.92 7.17 46.76
CA LYS B 364 -12.78 6.14 46.21
C LYS B 364 -13.53 5.43 47.34
N VAL B 365 -14.85 5.32 47.18
CA VAL B 365 -15.72 4.76 48.22
C VAL B 365 -16.46 3.56 47.65
N SER B 366 -16.61 2.53 48.47
CA SER B 366 -17.23 1.26 48.06
C SER B 366 -18.57 1.09 48.76
N ILE B 367 -19.57 0.62 48.01
CA ILE B 367 -20.92 0.40 48.51
C ILE B 367 -21.40 -0.96 48.05
N LYS B 368 -21.99 -1.73 48.97
CA LYS B 368 -22.43 -3.10 48.71
C LYS B 368 -23.95 -3.14 48.71
N LEU B 369 -24.55 -3.27 47.54
CA LEU B 369 -25.99 -3.16 47.35
C LEU B 369 -26.58 -4.47 46.86
N HIS B 370 -27.91 -4.53 46.84
CA HIS B 370 -28.61 -5.57 46.10
C HIS B 370 -29.95 -5.01 45.66
N SER B 371 -30.41 -5.44 44.49
CA SER B 371 -31.67 -4.98 43.94
C SER B 371 -32.26 -6.08 43.07
N SER B 372 -33.59 -6.24 43.15
CA SER B 372 -34.26 -7.29 42.40
C SER B 372 -34.33 -7.00 40.91
N LYS B 373 -33.97 -5.79 40.46
CA LYS B 373 -34.07 -5.40 39.07
C LYS B 373 -32.74 -4.81 38.60
N ASN B 374 -32.57 -4.75 37.29
CA ASN B 374 -31.42 -4.08 36.70
C ASN B 374 -31.75 -2.59 36.57
N SER B 375 -30.97 -1.74 37.23
CA SER B 375 -31.36 -0.34 37.36
C SER B 375 -30.13 0.55 37.42
N THR B 376 -30.39 1.84 37.60
CA THR B 376 -29.36 2.86 37.74
C THR B 376 -29.71 3.78 38.91
N ALA B 377 -28.68 4.29 39.58
CA ALA B 377 -28.85 5.09 40.78
C ALA B 377 -28.71 6.57 40.46
N HIS B 378 -28.88 7.40 41.50
CA HIS B 378 -28.84 8.84 41.31
C HIS B 378 -28.33 9.50 42.59
N VAL B 379 -28.29 10.83 42.57
CA VAL B 379 -27.39 11.66 43.36
C VAL B 379 -27.73 11.60 44.84
N ARG B 380 -26.72 11.77 45.71
CA ARG B 380 -26.96 12.03 47.12
C ARG B 380 -27.01 13.55 47.27
N CYS B 381 -28.05 14.06 47.94
CA CYS B 381 -28.22 15.51 47.97
C CYS B 381 -27.21 16.15 48.93
N LYS B 382 -26.97 15.53 50.08
CA LYS B 382 -26.10 16.07 51.12
C LYS B 382 -24.62 15.77 50.88
N GLY B 383 -24.28 14.87 49.96
CA GLY B 383 -22.88 14.66 49.62
C GLY B 383 -22.18 15.94 49.22
N ASP B 384 -22.92 16.83 48.54
CA ASP B 384 -22.53 18.23 48.41
C ASP B 384 -21.32 18.39 47.49
N GLU B 385 -20.91 17.29 46.85
CA GLU B 385 -19.77 17.37 45.95
C GLU B 385 -20.13 17.09 44.49
N THR B 386 -20.72 15.94 44.22
CA THR B 386 -21.10 15.58 42.86
C THR B 386 -22.32 14.67 42.84
N ALA B 387 -22.82 14.37 41.64
CA ALA B 387 -23.97 13.51 41.48
C ALA B 387 -23.57 12.05 41.41
N PHE B 388 -24.54 11.18 41.17
CA PHE B 388 -24.28 9.74 41.08
C PHE B 388 -24.88 9.14 39.81
N SER B 389 -24.29 8.04 39.36
CA SER B 389 -24.74 7.35 38.16
C SER B 389 -24.26 5.90 38.15
N VAL B 390 -24.72 5.13 39.12
CA VAL B 390 -24.32 3.72 39.24
C VAL B 390 -25.33 2.80 38.56
N LEU B 391 -24.86 1.59 38.22
CA LEU B 391 -25.70 0.60 37.57
C LEU B 391 -25.36 -0.77 38.14
N GLU B 392 -26.39 -1.60 38.37
CA GLU B 392 -26.25 -2.81 39.15
C GLU B 392 -26.89 -3.99 38.44
N GLY B 393 -26.45 -5.19 38.84
CA GLY B 393 -27.10 -6.43 38.45
C GLY B 393 -27.93 -6.97 39.60
N VAL B 394 -28.71 -8.00 39.30
CA VAL B 394 -29.63 -8.53 40.31
C VAL B 394 -28.91 -9.59 41.14
N HIS B 395 -28.12 -9.12 42.09
CA HIS B 395 -27.37 -9.91 43.07
C HIS B 395 -26.90 -8.95 44.15
N SER B 396 -26.00 -9.42 45.00
CA SER B 396 -25.30 -8.56 45.95
C SER B 396 -23.89 -8.29 45.41
N TYR B 397 -23.67 -7.08 44.93
CA TYR B 397 -22.36 -6.70 44.41
C TYR B 397 -21.84 -5.43 45.09
N THR B 398 -20.73 -4.91 44.60
CA THR B 398 -20.22 -3.62 45.03
C THR B 398 -19.67 -2.89 43.82
N VAL B 399 -19.97 -1.61 43.74
CA VAL B 399 -19.45 -0.73 42.70
C VAL B 399 -18.95 0.54 43.36
N SER B 400 -17.71 0.91 43.11
CA SER B 400 -17.04 1.94 43.88
C SER B 400 -16.83 3.20 43.05
N LEU B 401 -17.05 4.35 43.67
CA LEU B 401 -17.02 5.64 42.98
C LEU B 401 -16.15 6.63 43.73
N SER B 402 -15.74 7.69 43.04
CA SER B 402 -14.73 8.62 43.55
C SER B 402 -15.32 9.95 43.97
N PHE B 403 -14.90 10.44 45.15
CA PHE B 403 -15.41 11.67 45.74
C PHE B 403 -14.35 12.23 46.68
N ASP B 404 -14.49 13.52 47.02
CA ASP B 404 -13.61 14.17 47.99
C ASP B 404 -14.37 15.11 48.90
N HIS B 405 -13.97 15.18 50.16
CA HIS B 405 -14.64 15.99 51.17
C HIS B 405 -13.66 16.36 52.27
N ALA B 406 -13.97 17.44 53.00
CA ALA B 406 -13.19 17.76 54.19
C ALA B 406 -13.53 16.83 55.35
N VAL B 407 -14.82 16.60 55.58
CA VAL B 407 -15.29 15.68 56.61
C VAL B 407 -16.42 14.85 56.01
N VAL B 408 -16.46 13.57 56.36
CA VAL B 408 -17.46 12.66 55.81
C VAL B 408 -18.83 12.99 56.35
N ASP B 409 -19.80 13.20 55.46
CA ASP B 409 -21.21 13.28 55.84
C ASP B 409 -22.04 12.16 55.22
N GLU B 410 -22.06 12.07 53.89
CA GLU B 410 -22.64 10.94 53.16
C GLU B 410 -24.08 10.71 53.60
N GLN B 411 -25.00 11.57 53.18
CA GLN B 411 -26.39 11.52 53.59
C GLN B 411 -27.29 11.87 52.40
N CYS B 412 -28.58 11.48 52.51
CA CYS B 412 -29.60 11.96 51.58
C CYS B 412 -29.37 11.54 50.13
N GLN B 413 -29.53 10.25 49.86
CA GLN B 413 -29.42 9.73 48.50
C GLN B 413 -30.76 9.15 48.05
N LEU B 414 -31.21 9.57 46.87
CA LEU B 414 -32.35 8.95 46.17
C LEU B 414 -31.83 7.95 45.14
N ASN B 415 -31.12 6.94 45.64
CA ASN B 415 -30.39 6.04 44.75
C ASN B 415 -31.32 5.28 43.83
N CYS B 416 -32.13 4.39 44.37
CA CYS B 416 -32.69 3.29 43.59
C CYS B 416 -33.99 2.82 44.20
N GLY B 417 -35.09 2.98 43.44
CA GLY B 417 -36.39 2.55 43.89
C GLY B 417 -36.97 3.44 44.96
N GLY B 418 -36.36 3.43 46.13
CA GLY B 418 -36.82 4.25 47.24
C GLY B 418 -35.70 5.05 47.87
N HIS B 419 -36.06 6.14 48.55
CA HIS B 419 -35.07 6.94 49.25
C HIS B 419 -34.53 6.19 50.46
N GLU B 420 -33.21 6.29 50.64
CA GLU B 420 -32.58 5.75 51.84
C GLU B 420 -31.55 6.75 52.33
N SER B 421 -31.44 6.87 53.65
CA SER B 421 -30.55 7.84 54.29
C SER B 421 -29.51 7.06 55.10
N GLN B 422 -28.43 6.68 54.45
CA GLN B 422 -27.31 6.01 55.10
C GLN B 422 -26.25 7.05 55.42
N VAL B 423 -25.46 6.79 56.46
CA VAL B 423 -24.43 7.72 56.93
C VAL B 423 -23.13 6.95 57.12
N THR B 424 -22.01 7.57 56.72
CA THR B 424 -20.68 7.02 56.94
C THR B 424 -19.91 7.88 57.94
N LEU B 425 -18.73 7.39 58.32
CA LEU B 425 -17.86 8.13 59.24
C LEU B 425 -16.44 7.57 59.10
N LYS B 426 -15.50 8.44 58.76
CA LYS B 426 -14.08 8.10 58.66
C LYS B 426 -13.27 9.37 58.49
N GLY B 427 -12.05 9.37 59.02
CA GLY B 427 -11.18 10.53 58.89
C GLY B 427 -10.48 10.53 57.55
N ASN B 428 -10.76 11.55 56.73
CA ASN B 428 -10.24 11.61 55.37
C ASN B 428 -8.79 12.07 55.36
N LEU B 429 -8.08 11.66 54.31
CA LEU B 429 -6.68 12.00 54.13
C LEU B 429 -6.55 13.11 53.09
N ILE B 430 -5.70 14.11 53.40
CA ILE B 430 -5.49 15.27 52.55
C ILE B 430 -3.99 15.47 52.44
N PHE B 431 -3.57 16.23 51.43
CA PHE B 431 -2.17 16.63 51.36
C PHE B 431 -1.81 17.55 52.52
N LEU B 432 -1.07 17.01 53.48
CA LEU B 432 -0.60 17.77 54.63
C LEU B 432 0.90 17.55 54.80
N ASP B 433 1.39 18.02 55.94
CA ASP B 433 2.77 17.77 56.34
C ASP B 433 2.92 16.35 56.89
N VAL B 434 4.12 16.05 57.38
CA VAL B 434 4.44 14.67 57.79
C VAL B 434 4.06 14.45 59.24
N PRO B 435 3.17 13.49 59.55
CA PRO B 435 2.90 13.15 60.95
C PRO B 435 3.86 12.10 61.49
N LYS B 436 4.69 11.54 60.62
CA LYS B 436 5.47 10.35 60.99
C LYS B 436 6.43 10.62 62.13
N PHE B 437 7.21 11.70 62.05
CA PHE B 437 8.23 11.99 63.03
C PHE B 437 7.94 13.19 63.93
N VAL B 438 7.04 14.08 63.51
CA VAL B 438 6.74 15.31 64.25
C VAL B 438 8.00 16.14 64.45
N ASP B 439 8.88 16.12 63.44
CA ASP B 439 10.11 16.91 63.52
C ASP B 439 9.81 18.40 63.43
N GLY B 440 8.77 18.77 62.66
CA GLY B 440 8.41 20.18 62.54
C GLY B 440 7.95 20.75 63.88
N SER B 441 7.52 19.88 64.79
CA SER B 441 7.13 20.34 66.13
C SER B 441 8.32 20.96 66.86
N TYR B 442 9.49 20.34 66.74
CA TYR B 442 10.68 20.88 67.41
C TYR B 442 11.06 22.24 66.86
N MET B 443 11.02 22.41 65.54
CA MET B 443 11.34 23.70 64.94
C MET B 443 10.26 24.74 65.26
N GLN B 444 9.04 24.28 65.52
CA GLN B 444 7.98 25.20 65.92
C GLN B 444 8.24 25.78 67.30
N THR B 445 8.80 24.98 68.20
CA THR B 445 9.10 25.47 69.54
C THR B 445 10.28 26.42 69.53
N TYR B 446 11.23 26.22 68.61
CA TYR B 446 12.43 27.06 68.58
C TYR B 446 12.14 28.43 68.00
N HIS B 447 11.20 28.51 67.05
CA HIS B 447 10.92 29.78 66.38
C HIS B 447 10.45 30.85 67.37
N SER B 448 9.54 30.48 68.27
CA SER B 448 9.03 31.41 69.28
C SER B 448 10.07 31.55 70.39
N THR B 449 11.08 32.39 70.12
CA THR B 449 12.19 32.60 71.02
C THR B 449 12.42 34.10 71.23
N VAL B 450 12.43 34.52 72.49
CA VAL B 450 12.75 35.90 72.86
C VAL B 450 11.83 36.90 72.17
N PRO B 451 10.54 36.57 72.11
CA PRO B 451 9.58 37.47 71.48
C PRO B 451 9.44 38.76 72.27
N THR B 452 9.28 38.66 73.59
CA THR B 452 9.11 39.85 74.41
C THR B 452 10.42 40.57 74.65
N GLY B 453 11.55 39.86 74.51
CA GLY B 453 12.85 40.46 74.76
C GLY B 453 13.16 41.55 73.73
N ALA B 454 12.86 41.30 72.46
CA ALA B 454 13.17 42.27 71.42
C ALA B 454 12.40 43.57 71.61
N ASN B 455 11.10 43.46 71.91
CA ASN B 455 10.31 44.66 72.17
C ASN B 455 10.77 45.36 73.44
N ILE B 456 11.16 44.59 74.46
CA ILE B 456 11.65 45.18 75.69
C ILE B 456 12.87 46.05 75.46
N PRO B 457 13.83 45.54 74.67
CA PRO B 457 14.97 46.35 74.29
C PRO B 457 14.55 47.48 73.34
N SER B 458 13.51 47.23 72.54
CA SER B 458 13.03 48.24 71.60
C SER B 458 12.34 49.39 72.32
N PRO B 459 11.57 49.08 73.37
CA PRO B 459 10.81 50.12 74.07
C PRO B 459 11.73 51.15 74.72
N THR B 460 12.82 50.68 75.35
CA THR B 460 13.78 51.61 75.94
C THR B 460 14.48 52.43 74.87
N ASP B 461 14.84 51.80 73.75
CA ASP B 461 15.49 52.52 72.67
C ASP B 461 14.51 53.43 71.94
N TRP B 462 13.22 53.08 71.96
CA TRP B 462 12.22 53.89 71.27
C TRP B 462 12.13 55.29 71.89
N LEU B 463 12.20 55.38 73.21
CA LEU B 463 12.15 56.69 73.86
C LEU B 463 13.34 57.55 73.45
N ASN B 464 14.52 56.94 73.31
CA ASN B 464 15.70 57.69 72.88
C ASN B 464 15.62 58.03 71.39
N ALA B 465 15.14 57.10 70.57
CA ALA B 465 15.16 57.30 69.12
C ALA B 465 14.11 58.33 68.70
N LEU B 466 12.95 58.35 69.37
CA LEU B 466 11.88 59.23 68.96
C LEU B 466 12.21 60.69 69.27
N PHE B 467 12.69 60.96 70.48
CA PHE B 467 12.99 62.32 70.89
C PHE B 467 14.22 62.86 70.18
C1 NAG C . -5.91 -35.59 -61.25
C2 NAG C . -6.82 -35.15 -62.38
C3 NAG C . -6.01 -34.91 -63.66
C4 NAG C . -4.83 -33.97 -63.39
C5 NAG C . -4.03 -34.47 -62.19
C6 NAG C . -2.93 -33.50 -61.77
C7 NAG C . -8.94 -36.26 -61.83
C8 NAG C . -9.91 -37.33 -62.24
N2 NAG C . -7.86 -36.13 -62.63
O3 NAG C . -6.85 -34.36 -64.66
O4 NAG C . -3.98 -33.95 -64.52
O5 NAG C . -4.88 -34.63 -61.04
O6 NAG C . -2.10 -34.08 -60.78
O7 NAG C . -9.11 -35.56 -60.85
C1 NAG C . -4.21 -32.78 -65.32
C2 NAG C . -2.89 -32.40 -66.02
C3 NAG C . -3.10 -31.22 -66.95
C4 NAG C . -4.25 -31.49 -67.92
C5 NAG C . -5.51 -31.87 -67.14
C6 NAG C . -6.67 -32.25 -68.02
C7 NAG C . -0.56 -32.35 -65.26
C8 NAG C . 0.37 -31.98 -64.15
N2 NAG C . -1.85 -32.11 -65.05
O3 NAG C . -1.90 -30.98 -67.70
O4 NAG C . -4.52 -30.33 -68.70
O5 NAG C . -5.22 -33.01 -66.31
O6 NAG C . -6.74 -31.40 -69.16
O7 NAG C . -0.16 -32.85 -66.31
C1 NAG D . 3.78 -34.57 -45.72
C2 NAG D . 4.93 -33.57 -45.69
C3 NAG D . 5.68 -33.58 -47.02
C4 NAG D . 6.12 -35.00 -47.35
C5 NAG D . 4.94 -35.97 -47.28
C6 NAG D . 5.35 -37.42 -47.44
C7 NAG D . 4.37 -31.76 -44.13
C8 NAG D . 3.85 -30.36 -44.00
N2 NAG D . 4.45 -32.24 -45.38
O3 NAG D . 6.79 -32.72 -46.94
O4 NAG D . 6.72 -35.05 -48.64
O5 NAG D . 4.29 -35.87 -46.01
O6 NAG D . 5.36 -38.09 -46.20
O7 NAG D . 4.72 -32.42 -43.16
C1 NAG D . 8.13 -35.29 -48.44
C2 NAG D . 8.72 -36.04 -49.63
C3 NAG D . 10.21 -36.30 -49.40
C4 NAG D . 10.94 -35.01 -49.05
C5 NAG D . 10.21 -34.24 -47.95
C6 NAG D . 10.79 -32.86 -47.70
C7 NAG D . 8.02 -37.91 -51.06
C8 NAG D . 7.24 -39.20 -51.12
N2 NAG D . 8.02 -37.30 -49.87
O3 NAG D . 10.76 -36.88 -50.59
O4 NAG D . 12.24 -35.31 -48.54
O5 NAG D . 8.83 -34.05 -48.28
O6 NAG D . 12.06 -32.94 -47.06
O7 NAG D . 8.61 -37.46 -52.04
C1 MAN D . 13.24 -35.38 -49.58
C2 MAN D . 14.62 -35.65 -48.88
C3 MAN D . 15.27 -34.36 -48.38
C4 MAN D . 15.25 -33.29 -49.47
C5 MAN D . 13.79 -33.01 -49.83
C6 MAN D . 13.63 -31.90 -50.84
O2 MAN D . 15.56 -36.23 -49.78
O3 MAN D . 16.60 -34.57 -47.93
O4 MAN D . 15.86 -32.10 -49.00
O5 MAN D . 13.22 -34.20 -50.41
O6 MAN D . 12.33 -32.00 -51.41
#